data_4FJS
#
_entry.id   4FJS
#
_cell.length_a   162.760
_cell.length_b   162.760
_cell.length_c   61.450
_cell.angle_alpha   90.00
_cell.angle_beta   90.00
_cell.angle_gamma   90.00
#
_symmetry.space_group_name_H-M   'P 42 21 2'
#
loop_
_entity.id
_entity.type
_entity.pdbx_description
1 polymer 'Ureidoglycolate dehydrogenase'
2 water water
#
_entity_poly.entity_id   1
_entity_poly.type   'polypeptide(L)'
_entity_poly.pdbx_seq_one_letter_code
;GHMKISRETLHQLIENKLCQAGLKREHAATVAEVLVYADARGIHSHGAVRVEYYAERISKGGTNREPEFRLEETGPCSAI
LHADNAAGQVAAKMGMEHAIKTAQQNGVAVVGISRMGHSGAISYFVQQAARAGFIGISMCQSDPMVVPFGGAEIYYGTNP
LAFAAPGEGDEILTFDMATTVQAWGKVLDARSRNMSIPDTWAVDKNGVPTTDPFAVHALLPAAGPKGYGLMMMIDVLSGV
LLGLPFGRQVSSMYDDLHAGRNLGQLHIVINPNFFSSSELFRQHLSQTMRELNAITPAPGFNQVYYPGQDQDIKQRKAAV
EGIEIVDDIYQYLISDALYNTSYETKNPFAQ
;
_entity_poly.pdbx_strand_id   A,B
#
# COMPACT_ATOMS: atom_id res chain seq x y z
N MET A 3 15.56 19.89 -23.37
CA MET A 3 16.17 18.94 -24.29
C MET A 3 15.23 17.77 -24.58
N LYS A 4 15.53 17.01 -25.63
CA LYS A 4 14.72 15.86 -26.02
C LYS A 4 15.45 14.83 -26.88
N ILE A 5 15.64 13.63 -26.34
CA ILE A 5 16.25 12.54 -27.12
C ILE A 5 15.43 11.26 -27.03
N SER A 6 15.78 10.29 -27.87
CA SER A 6 15.05 9.03 -27.92
C SER A 6 15.40 8.15 -26.72
N ARG A 7 14.66 7.06 -26.58
CA ARG A 7 14.87 6.13 -25.49
C ARG A 7 16.24 5.46 -25.62
N GLU A 8 16.54 4.99 -26.82
CA GLU A 8 17.69 4.14 -27.08
C GLU A 8 19.04 4.87 -26.93
N THR A 9 19.09 6.12 -27.37
CA THR A 9 20.32 6.90 -27.25
C THR A 9 20.63 7.21 -25.79
N LEU A 10 19.62 7.73 -25.08
CA LEU A 10 19.72 8.03 -23.65
C LEU A 10 20.18 6.81 -22.86
N HIS A 11 19.68 5.64 -23.24
CA HIS A 11 20.10 4.40 -22.61
C HIS A 11 21.59 4.17 -22.82
N GLN A 12 22.02 4.39 -24.06
CA GLN A 12 23.39 4.16 -24.45
C GLN A 12 24.32 5.02 -23.63
N LEU A 13 23.97 6.30 -23.53
CA LEU A 13 24.77 7.28 -22.79
C LEU A 13 24.91 6.90 -21.33
N ILE A 14 23.77 6.65 -20.67
CA ILE A 14 23.78 6.27 -19.28
C ILE A 14 24.59 5.00 -19.06
N GLU A 15 24.42 4.02 -19.94
CA GLU A 15 25.17 2.77 -19.81
C GLU A 15 26.67 3.04 -19.95
N ASN A 16 27.02 4.02 -20.78
CA ASN A 16 28.43 4.33 -21.02
C ASN A 16 29.05 4.98 -19.79
N LYS A 17 28.38 6.01 -19.29
CA LYS A 17 28.87 6.76 -18.16
C LYS A 17 29.05 5.89 -16.93
N LEU A 18 28.23 4.85 -16.80
CA LEU A 18 28.22 4.01 -15.62
C LEU A 18 29.24 2.89 -15.74
N CYS A 19 29.46 2.44 -16.97
CA CYS A 19 30.46 1.42 -17.22
C CYS A 19 31.84 2.05 -17.05
N GLN A 20 31.90 3.35 -17.33
CA GLN A 20 33.13 4.12 -17.21
C GLN A 20 33.44 4.35 -15.72
N ALA A 21 32.40 4.54 -14.91
CA ALA A 21 32.55 4.65 -13.46
C ALA A 21 33.11 3.36 -12.86
N GLY A 22 32.80 2.23 -13.49
CA GLY A 22 33.36 0.97 -13.04
C GLY A 22 32.37 -0.18 -12.90
N LEU A 23 31.13 0.05 -13.30
CA LEU A 23 30.12 -1.03 -13.33
C LEU A 23 30.37 -1.99 -14.50
N LYS A 24 30.07 -3.28 -14.30
CA LYS A 24 30.04 -4.21 -15.44
C LYS A 24 29.12 -3.69 -16.53
N ARG A 25 29.28 -4.22 -17.73
CA ARG A 25 28.47 -3.77 -18.87
C ARG A 25 26.98 -4.01 -18.65
N GLU A 26 26.62 -5.24 -18.31
CA GLU A 26 25.21 -5.61 -18.20
C GLU A 26 24.53 -4.91 -17.02
N HIS A 27 25.25 -4.75 -15.91
CA HIS A 27 24.72 -4.02 -14.76
C HIS A 27 24.40 -2.59 -15.15
N ALA A 28 25.32 -1.93 -15.85
CA ALA A 28 25.09 -0.57 -16.32
C ALA A 28 23.91 -0.49 -17.28
N ALA A 29 23.72 -1.55 -18.07
CA ALA A 29 22.59 -1.60 -19.00
C ALA A 29 21.26 -1.65 -18.24
N THR A 30 21.19 -2.56 -17.27
CA THR A 30 20.03 -2.66 -16.38
C THR A 30 19.75 -1.35 -15.65
N VAL A 31 20.77 -0.81 -14.98
CA VAL A 31 20.59 0.49 -14.32
C VAL A 31 20.02 1.48 -15.29
N ALA A 32 20.65 1.60 -16.47
CA ALA A 32 20.18 2.53 -17.49
C ALA A 32 18.72 2.25 -17.90
N GLU A 33 18.39 0.98 -18.10
CA GLU A 33 17.04 0.56 -18.44
C GLU A 33 16.00 1.11 -17.45
N VAL A 34 16.31 1.04 -16.17
CA VAL A 34 15.38 1.47 -15.12
C VAL A 34 15.26 2.98 -15.12
N LEU A 35 16.38 3.68 -15.34
CA LEU A 35 16.37 5.15 -15.36
C LEU A 35 15.59 5.72 -16.55
N VAL A 36 15.79 5.16 -17.74
CA VAL A 36 15.08 5.67 -18.91
C VAL A 36 13.58 5.40 -18.80
N TYR A 37 13.23 4.23 -18.24
CA TYR A 37 11.84 3.91 -17.89
C TYR A 37 11.21 5.05 -17.10
N ALA A 38 11.92 5.51 -16.08
CA ALA A 38 11.39 6.57 -15.23
C ALA A 38 11.19 7.87 -16.02
N ASP A 39 12.21 8.23 -16.80
CA ASP A 39 12.14 9.44 -17.62
C ASP A 39 10.98 9.37 -18.62
N ALA A 40 10.87 8.23 -19.31
CA ALA A 40 9.79 8.02 -20.27
C ALA A 40 8.40 8.20 -19.64
N ARG A 41 8.27 7.88 -18.34
CA ARG A 41 6.99 8.06 -17.63
C ARG A 41 6.83 9.42 -16.95
N GLY A 42 7.85 10.27 -17.02
CA GLY A 42 7.75 11.59 -16.42
C GLY A 42 8.18 11.64 -14.96
N ILE A 43 8.78 10.53 -14.50
CA ILE A 43 9.33 10.44 -13.16
C ILE A 43 10.81 10.81 -13.24
N HIS A 44 11.08 12.09 -13.46
CA HIS A 44 12.43 12.54 -13.74
C HIS A 44 13.37 12.54 -12.53
N SER A 45 12.79 12.57 -11.33
CA SER A 45 13.61 12.47 -10.11
C SER A 45 14.28 11.12 -9.96
N HIS A 46 13.79 10.12 -10.70
CA HIS A 46 14.40 8.81 -10.71
C HIS A 46 14.97 8.51 -12.07
N GLY A 47 15.13 9.55 -12.87
CA GLY A 47 15.66 9.42 -14.21
C GLY A 47 17.16 9.60 -14.32
N ALA A 48 17.59 10.18 -15.45
CA ALA A 48 19.01 10.38 -15.76
C ALA A 48 19.69 11.37 -14.82
N VAL A 49 18.88 12.21 -14.17
CA VAL A 49 19.36 13.18 -13.20
C VAL A 49 20.24 12.55 -12.10
N ARG A 50 20.08 11.25 -11.88
CA ARG A 50 20.74 10.58 -10.76
C ARG A 50 22.06 9.96 -11.18
N VAL A 51 22.35 10.01 -12.47
CA VAL A 51 23.52 9.32 -13.00
C VAL A 51 24.83 9.84 -12.41
N GLU A 52 24.93 11.15 -12.23
CA GLU A 52 26.15 11.79 -11.74
C GLU A 52 26.44 11.28 -10.33
N TYR A 53 25.42 11.36 -9.47
CA TYR A 53 25.47 10.75 -8.12
C TYR A 53 25.88 9.29 -8.19
N TYR A 54 25.18 8.53 -9.02
CA TYR A 54 25.48 7.11 -9.18
C TYR A 54 26.96 6.88 -9.54
N ALA A 55 27.46 7.66 -10.50
CA ALA A 55 28.84 7.50 -10.97
C ALA A 55 29.88 7.67 -9.87
N GLU A 56 29.75 8.76 -9.09
CA GLU A 56 30.66 9.01 -7.98
C GLU A 56 30.67 7.87 -6.95
N ARG A 57 29.48 7.39 -6.60
CA ARG A 57 29.36 6.30 -5.62
C ARG A 57 29.91 4.99 -6.17
N ILE A 58 29.75 4.78 -7.48
CA ILE A 58 30.30 3.57 -8.09
C ILE A 58 31.84 3.57 -8.06
N SER A 59 32.45 4.68 -8.46
CA SER A 59 33.92 4.77 -8.45
C SER A 59 34.51 4.72 -7.03
N LYS A 60 33.84 5.34 -6.05
CA LYS A 60 34.32 5.30 -4.67
C LYS A 60 34.04 3.96 -3.98
N GLY A 61 33.33 3.06 -4.68
CA GLY A 61 33.09 1.72 -4.18
C GLY A 61 31.95 1.65 -3.17
N GLY A 62 31.13 2.70 -3.13
CA GLY A 62 29.90 2.68 -2.33
C GLY A 62 28.87 1.70 -2.90
N THR A 63 28.71 1.72 -4.22
CA THR A 63 27.96 0.68 -4.93
C THR A 63 28.92 -0.41 -5.36
N ASN A 64 28.64 -1.64 -4.97
CA ASN A 64 29.51 -2.76 -5.33
C ASN A 64 29.47 -3.08 -6.85
N ARG A 65 30.63 -3.16 -7.50
CA ARG A 65 30.68 -3.47 -8.93
C ARG A 65 31.00 -4.94 -9.21
N GLU A 66 31.37 -5.66 -8.16
CA GLU A 66 31.55 -7.11 -8.25
C GLU A 66 30.79 -7.82 -7.13
N PRO A 67 29.46 -7.60 -7.05
CA PRO A 67 28.72 -8.19 -5.93
C PRO A 67 28.65 -9.70 -6.01
N GLU A 68 28.70 -10.34 -4.85
CA GLU A 68 28.42 -11.77 -4.75
C GLU A 68 26.96 -11.96 -4.35
N PHE A 69 26.08 -12.05 -5.34
CA PHE A 69 24.68 -12.37 -5.13
C PHE A 69 24.50 -13.76 -4.56
N ARG A 70 23.54 -13.92 -3.64
CA ARG A 70 23.12 -15.25 -3.24
C ARG A 70 21.61 -15.28 -3.04
N LEU A 71 20.93 -16.06 -3.88
CA LEU A 71 19.48 -16.22 -3.78
C LEU A 71 19.11 -17.30 -2.77
N GLU A 72 18.73 -16.89 -1.57
CA GLU A 72 18.37 -17.84 -0.54
C GLU A 72 16.87 -18.13 -0.57
N GLU A 73 16.51 -19.35 -0.95
CA GLU A 73 15.12 -19.76 -1.01
C GLU A 73 14.74 -20.36 0.32
N THR A 74 13.76 -19.77 0.99
CA THR A 74 13.45 -20.13 2.37
C THR A 74 12.17 -20.93 2.48
N GLY A 75 11.45 -21.03 1.36
CA GLY A 75 10.18 -21.72 1.33
C GLY A 75 9.70 -21.82 -0.10
N PRO A 76 8.54 -22.48 -0.32
CA PRO A 76 8.00 -22.65 -1.67
C PRO A 76 7.68 -21.32 -2.34
N CYS A 77 7.40 -20.29 -1.54
CA CYS A 77 6.95 -19.01 -2.08
C CYS A 77 7.71 -17.82 -1.52
N SER A 78 8.86 -18.09 -0.91
CA SER A 78 9.64 -17.04 -0.27
C SER A 78 11.14 -17.17 -0.52
N ALA A 79 11.81 -16.02 -0.56
CA ALA A 79 13.25 -15.99 -0.76
C ALA A 79 13.83 -14.65 -0.35
N ILE A 80 15.14 -14.65 -0.10
CA ILE A 80 15.90 -13.41 0.03
C ILE A 80 17.05 -13.44 -0.96
N LEU A 81 17.16 -12.38 -1.76
CA LEU A 81 18.31 -12.18 -2.60
C LEU A 81 19.32 -11.32 -1.85
N HIS A 82 20.37 -11.96 -1.36
CA HIS A 82 21.45 -11.21 -0.74
C HIS A 82 22.22 -10.51 -1.86
N ALA A 83 22.17 -9.18 -1.85
CA ALA A 83 22.60 -8.39 -2.98
C ALA A 83 24.01 -7.79 -2.87
N ASP A 84 24.68 -8.06 -1.74
CA ASP A 84 26.08 -7.62 -1.53
C ASP A 84 26.29 -6.17 -1.97
N ASN A 85 25.31 -5.33 -1.64
CA ASN A 85 25.30 -3.91 -2.02
C ASN A 85 25.50 -3.55 -3.49
N ALA A 86 25.11 -4.50 -4.35
CA ALA A 86 24.98 -4.26 -5.78
C ALA A 86 24.10 -3.05 -6.06
N ALA A 87 24.21 -2.49 -7.27
CA ALA A 87 23.28 -1.46 -7.70
C ALA A 87 21.83 -1.94 -7.48
N GLY A 88 20.96 -1.05 -7.02
CA GLY A 88 19.61 -1.42 -6.62
C GLY A 88 18.76 -1.86 -7.80
N GLN A 89 18.88 -1.15 -8.91
CA GLN A 89 18.20 -1.54 -10.15
C GLN A 89 18.50 -2.97 -10.53
N VAL A 90 19.73 -3.42 -10.29
CA VAL A 90 20.14 -4.77 -10.70
C VAL A 90 19.59 -5.81 -9.74
N ALA A 91 19.83 -5.62 -8.45
CA ALA A 91 19.36 -6.54 -7.42
C ALA A 91 17.82 -6.69 -7.45
N ALA A 92 17.12 -5.56 -7.55
CA ALA A 92 15.67 -5.60 -7.49
C ALA A 92 15.07 -6.36 -8.68
N LYS A 93 15.61 -6.13 -9.87
CA LYS A 93 15.12 -6.81 -11.06
C LYS A 93 15.37 -8.31 -11.01
N MET A 94 16.52 -8.70 -10.47
CA MET A 94 16.86 -10.10 -10.32
C MET A 94 15.90 -10.76 -9.34
N GLY A 95 15.60 -10.05 -8.26
CA GLY A 95 14.66 -10.54 -7.28
C GLY A 95 13.31 -10.71 -7.95
N MET A 96 12.88 -9.71 -8.71
CA MET A 96 11.58 -9.79 -9.38
C MET A 96 11.51 -10.98 -10.35
N GLU A 97 12.63 -11.26 -11.01
CA GLU A 97 12.67 -12.40 -11.94
C GLU A 97 12.50 -13.71 -11.18
N HIS A 98 13.10 -13.80 -9.99
CA HIS A 98 12.86 -14.99 -9.19
C HIS A 98 11.45 -15.01 -8.63
N ALA A 99 10.92 -13.83 -8.29
CA ALA A 99 9.53 -13.75 -7.81
C ALA A 99 8.60 -14.27 -8.88
N ILE A 100 8.87 -13.85 -10.12
CA ILE A 100 8.01 -14.23 -11.23
C ILE A 100 7.99 -15.74 -11.46
N LYS A 101 9.15 -16.37 -11.49
CA LYS A 101 9.17 -17.81 -11.78
C LYS A 101 8.57 -18.61 -10.63
N THR A 102 8.70 -18.08 -9.42
CA THR A 102 8.14 -18.73 -8.24
C THR A 102 6.62 -18.66 -8.24
N ALA A 103 6.06 -17.46 -8.49
CA ALA A 103 4.60 -17.28 -8.59
C ALA A 103 4.04 -18.11 -9.74
N GLN A 104 4.83 -18.24 -10.79
CA GLN A 104 4.51 -19.06 -11.95
C GLN A 104 4.28 -20.51 -11.52
N GLN A 105 5.21 -21.06 -10.75
CA GLN A 105 5.13 -22.45 -10.32
C GLN A 105 4.19 -22.67 -9.13
N ASN A 106 4.23 -21.76 -8.15
CA ASN A 106 3.54 -22.00 -6.90
C ASN A 106 2.51 -20.96 -6.52
N GLY A 107 2.22 -20.04 -7.44
CA GLY A 107 1.06 -19.19 -7.31
C GLY A 107 1.30 -17.84 -6.66
N VAL A 108 2.22 -17.83 -5.70
CA VAL A 108 2.46 -16.64 -4.90
C VAL A 108 3.98 -16.53 -4.67
N ALA A 109 4.49 -15.30 -4.56
CA ALA A 109 5.88 -15.11 -4.17
C ALA A 109 6.07 -13.85 -3.35
N VAL A 110 6.90 -13.96 -2.31
CA VAL A 110 7.31 -12.82 -1.52
C VAL A 110 8.83 -12.86 -1.47
N VAL A 111 9.49 -11.88 -2.09
CA VAL A 111 10.95 -11.91 -2.09
C VAL A 111 11.61 -10.61 -1.67
N GLY A 112 12.41 -10.72 -0.60
CA GLY A 112 13.13 -9.57 -0.09
C GLY A 112 14.43 -9.40 -0.86
N ILE A 113 14.79 -8.14 -1.11
CA ILE A 113 16.09 -7.81 -1.66
C ILE A 113 16.93 -7.23 -0.53
N SER A 114 17.93 -8.00 -0.07
CA SER A 114 18.71 -7.62 1.10
C SER A 114 20.05 -6.95 0.76
N ARG A 115 20.23 -5.72 1.26
CA ARG A 115 21.46 -4.92 1.08
C ARG A 115 21.77 -4.55 -0.37
N MET A 116 21.15 -3.45 -0.81
CA MET A 116 21.26 -3.00 -2.18
C MET A 116 21.37 -1.48 -2.16
N GLY A 117 21.75 -0.89 -3.30
CA GLY A 117 21.71 0.56 -3.46
C GLY A 117 20.32 1.00 -3.89
N HIS A 118 20.15 2.30 -4.11
CA HIS A 118 18.89 2.88 -4.55
C HIS A 118 18.40 2.17 -5.83
N SER A 119 17.13 1.76 -5.86
CA SER A 119 16.64 0.96 -6.97
C SER A 119 15.86 1.73 -8.03
N GLY A 120 15.72 3.04 -7.86
CA GLY A 120 15.09 3.87 -8.87
C GLY A 120 13.58 3.86 -8.77
N ALA A 121 12.90 4.04 -9.90
CA ALA A 121 11.43 4.01 -9.91
C ALA A 121 10.94 2.57 -9.74
N ILE A 122 10.49 2.21 -8.53
CA ILE A 122 10.16 0.81 -8.27
C ILE A 122 8.95 0.28 -9.06
N SER A 123 8.22 1.16 -9.76
CA SER A 123 7.11 0.65 -10.57
C SER A 123 7.62 -0.12 -11.78
N TYR A 124 8.89 0.05 -12.11
CA TYR A 124 9.50 -0.75 -13.15
C TYR A 124 9.37 -2.24 -12.82
N PHE A 125 9.58 -2.57 -11.56
CA PHE A 125 9.65 -3.96 -11.19
C PHE A 125 8.27 -4.54 -11.15
N VAL A 126 7.27 -3.79 -10.71
CA VAL A 126 5.93 -4.35 -10.76
C VAL A 126 5.41 -4.49 -12.21
N GLN A 127 5.89 -3.64 -13.13
CA GLN A 127 5.47 -3.80 -14.54
C GLN A 127 6.03 -5.11 -15.07
N GLN A 128 7.21 -5.47 -14.59
CA GLN A 128 7.85 -6.72 -14.92
C GLN A 128 6.90 -7.89 -14.61
N ALA A 129 6.39 -7.93 -13.36
CA ALA A 129 5.43 -8.98 -12.96
C ALA A 129 4.20 -8.96 -13.88
N ALA A 130 3.70 -7.76 -14.17
CA ALA A 130 2.53 -7.62 -15.02
C ALA A 130 2.71 -8.12 -16.48
N ARG A 131 3.90 -7.93 -17.04
CA ARG A 131 4.12 -8.39 -18.42
C ARG A 131 4.21 -9.91 -18.46
N ALA A 132 4.47 -10.51 -17.30
CA ALA A 132 4.48 -11.97 -17.20
C ALA A 132 3.07 -12.47 -16.89
N GLY A 133 2.13 -11.54 -16.74
CA GLY A 133 0.73 -11.89 -16.56
C GLY A 133 0.30 -11.95 -15.09
N PHE A 134 1.16 -11.45 -14.21
CA PHE A 134 0.89 -11.52 -12.78
C PHE A 134 0.65 -10.15 -12.15
N ILE A 135 0.08 -10.17 -10.96
CA ILE A 135 0.01 -8.98 -10.13
C ILE A 135 1.35 -8.81 -9.42
N GLY A 136 1.89 -7.59 -9.49
CA GLY A 136 3.10 -7.25 -8.75
C GLY A 136 2.89 -6.15 -7.74
N ILE A 137 3.47 -6.31 -6.55
CA ILE A 137 3.50 -5.27 -5.55
C ILE A 137 4.95 -5.11 -5.12
N SER A 138 5.41 -3.87 -4.99
CA SER A 138 6.77 -3.66 -4.53
C SER A 138 6.88 -2.43 -3.65
N MET A 139 7.88 -2.44 -2.78
CA MET A 139 8.06 -1.36 -1.81
C MET A 139 9.49 -1.44 -1.30
N CYS A 140 10.03 -0.29 -0.87
CA CYS A 140 11.37 -0.28 -0.31
C CYS A 140 11.59 0.84 0.68
N GLN A 141 12.65 0.71 1.47
CA GLN A 141 13.07 1.78 2.37
C GLN A 141 13.75 2.91 1.60
N SER A 142 13.81 4.07 2.24
CA SER A 142 14.42 5.24 1.64
C SER A 142 15.12 6.10 2.72
N ASP A 143 16.10 6.89 2.27
CA ASP A 143 16.74 7.98 3.04
C ASP A 143 15.75 8.65 4.00
N PRO A 144 16.02 8.56 5.32
CA PRO A 144 15.19 9.22 6.35
C PRO A 144 15.06 10.71 6.09
N MET A 145 13.82 11.18 5.89
CA MET A 145 13.55 12.60 5.58
C MET A 145 12.17 13.06 6.02
N VAL A 146 11.41 12.20 6.69
CA VAL A 146 10.01 12.51 6.98
C VAL A 146 9.69 12.52 8.48
N VAL A 147 8.92 13.51 8.94
CA VAL A 147 8.43 13.44 10.32
C VAL A 147 7.26 12.47 10.44
N PRO A 148 7.19 11.76 11.56
CA PRO A 148 5.94 11.09 11.88
C PRO A 148 4.81 12.11 11.94
N PHE A 149 3.57 11.65 11.82
CA PHE A 149 2.44 12.55 12.04
C PHE A 149 2.57 13.13 13.43
N GLY A 150 2.48 14.45 13.52
CA GLY A 150 2.59 15.17 14.78
C GLY A 150 4.01 15.25 15.32
N GLY A 151 4.99 14.96 14.48
CA GLY A 151 6.38 14.89 14.94
C GLY A 151 7.25 16.02 14.43
N ALA A 152 8.47 16.13 14.95
CA ALA A 152 9.40 17.19 14.56
C ALA A 152 10.82 16.67 14.40
N GLU A 153 10.98 15.35 14.48
CA GLU A 153 12.26 14.72 14.19
C GLU A 153 12.07 13.75 13.03
N ILE A 154 13.13 13.57 12.25
CA ILE A 154 13.12 12.67 11.11
C ILE A 154 13.07 11.21 11.57
N TYR A 155 12.31 10.36 10.87
CA TYR A 155 12.38 8.93 11.15
C TYR A 155 12.35 8.03 9.90
N TYR A 156 11.23 8.02 9.18
CA TYR A 156 11.17 7.21 7.96
C TYR A 156 11.60 7.99 6.73
N GLY A 157 11.82 7.26 5.63
CA GLY A 157 12.07 7.87 4.34
C GLY A 157 10.79 8.04 3.55
N THR A 158 10.92 8.53 2.32
CA THR A 158 9.79 8.70 1.41
C THR A 158 9.47 7.36 0.80
N ASN A 159 9.36 6.35 1.66
CA ASN A 159 9.20 4.96 1.25
C ASN A 159 8.08 4.77 0.23
N PRO A 160 8.46 4.40 -1.01
CA PRO A 160 7.50 4.28 -2.10
C PRO A 160 6.80 2.92 -2.11
N LEU A 161 5.64 2.89 -2.76
CA LEU A 161 4.88 1.65 -2.91
C LEU A 161 4.38 1.64 -4.35
N ALA A 162 4.51 0.51 -5.04
CA ALA A 162 3.96 0.41 -6.39
C ALA A 162 3.17 -0.88 -6.60
N PHE A 163 2.31 -0.86 -7.61
CA PHE A 163 1.38 -1.95 -7.85
C PHE A 163 1.12 -2.01 -9.34
N ALA A 164 1.08 -3.21 -9.88
CA ALA A 164 0.67 -3.34 -11.27
C ALA A 164 -0.08 -4.63 -11.51
N ALA A 165 -1.03 -4.57 -12.45
CA ALA A 165 -1.77 -5.76 -12.87
C ALA A 165 -2.06 -5.70 -14.38
N PRO A 166 -2.09 -6.87 -15.04
CA PRO A 166 -2.35 -6.91 -16.47
C PRO A 166 -3.82 -6.83 -16.88
N GLY A 167 -4.09 -6.06 -17.95
CA GLY A 167 -5.33 -6.15 -18.70
C GLY A 167 -5.14 -6.99 -19.96
N GLU A 168 -6.09 -6.93 -20.90
CA GLU A 168 -5.96 -7.70 -22.14
C GLU A 168 -4.78 -7.19 -22.98
N GLY A 169 -4.16 -8.10 -23.73
CA GLY A 169 -3.11 -7.70 -24.65
C GLY A 169 -1.92 -7.15 -23.89
N ASP A 170 -1.48 -5.96 -24.29
CA ASP A 170 -0.31 -5.33 -23.70
C ASP A 170 -0.68 -4.37 -22.57
N GLU A 171 -1.98 -4.17 -22.36
CA GLU A 171 -2.45 -3.26 -21.33
C GLU A 171 -1.96 -3.68 -19.94
N ILE A 172 -1.60 -2.68 -19.13
CA ILE A 172 -1.15 -2.87 -17.76
C ILE A 172 -1.59 -1.68 -16.97
N LEU A 173 -2.23 -1.92 -15.83
CA LEU A 173 -2.58 -0.85 -14.91
C LEU A 173 -1.45 -0.71 -13.88
N THR A 174 -0.79 0.46 -13.86
CA THR A 174 0.38 0.68 -13.01
C THR A 174 0.18 1.87 -12.07
N PHE A 175 0.21 1.60 -10.77
CA PHE A 175 0.02 2.63 -9.76
C PHE A 175 1.24 2.67 -8.87
N ASP A 176 1.81 3.85 -8.66
CA ASP A 176 2.85 3.96 -7.66
C ASP A 176 2.65 5.23 -6.86
N MET A 177 3.11 5.22 -5.63
CA MET A 177 2.91 6.39 -4.81
C MET A 177 3.97 6.56 -3.78
N ALA A 178 4.36 7.83 -3.62
CA ALA A 178 5.17 8.22 -2.50
C ALA A 178 4.24 8.41 -1.33
N THR A 179 4.75 8.07 -0.15
CA THR A 179 4.00 8.20 1.08
C THR A 179 4.21 9.60 1.68
N THR A 180 4.97 10.45 0.98
CA THR A 180 5.02 11.88 1.35
C THR A 180 4.21 12.75 0.40
N VAL A 181 3.92 13.97 0.85
CA VAL A 181 3.25 14.97 0.04
C VAL A 181 4.07 15.32 -1.21
N GLN A 182 5.38 15.37 -1.04
CA GLN A 182 6.24 15.79 -2.14
C GLN A 182 7.63 15.20 -1.96
N ALA A 183 8.39 15.16 -3.06
CA ALA A 183 9.73 14.58 -3.07
C ALA A 183 10.75 15.62 -2.62
N TRP A 184 11.86 15.15 -2.05
CA TRP A 184 12.90 16.06 -1.56
C TRP A 184 13.46 16.96 -2.65
N GLY A 185 13.43 16.47 -3.90
CA GLY A 185 14.03 17.19 -5.01
C GLY A 185 13.27 18.47 -5.31
N LYS A 186 11.96 18.43 -5.12
CA LYS A 186 11.12 19.60 -5.31
C LYS A 186 11.48 20.71 -4.33
N VAL A 187 12.05 20.33 -3.19
CA VAL A 187 12.47 21.30 -2.18
C VAL A 187 13.81 21.96 -2.54
N LEU A 188 14.72 21.15 -3.07
CA LEU A 188 16.04 21.62 -3.48
C LEU A 188 15.92 22.43 -4.76
N ASP A 189 14.90 22.10 -5.55
CA ASP A 189 14.62 22.85 -6.77
C ASP A 189 14.06 24.25 -6.48
N ALA A 190 13.22 24.36 -5.45
CA ALA A 190 12.72 25.66 -5.06
C ALA A 190 13.78 26.42 -4.28
N ARG A 191 14.74 25.68 -3.72
CA ARG A 191 15.92 26.31 -3.16
C ARG A 191 16.69 26.94 -4.31
N SER A 192 16.77 26.19 -5.40
CA SER A 192 17.46 26.61 -6.61
C SER A 192 16.61 27.56 -7.46
N ARG A 193 15.82 28.41 -6.81
CA ARG A 193 14.91 29.32 -7.50
C ARG A 193 14.61 30.57 -6.69
N ASN A 194 14.71 30.44 -5.37
CA ASN A 194 14.04 31.33 -4.44
C ASN A 194 12.56 31.42 -4.77
N MET A 195 12.00 30.27 -5.13
CA MET A 195 10.57 30.10 -5.17
C MET A 195 10.17 29.82 -3.73
N SER A 196 8.96 30.18 -3.35
CA SER A 196 8.47 29.81 -2.03
C SER A 196 7.45 28.68 -2.20
N ILE A 197 7.57 27.65 -1.38
CA ILE A 197 6.79 26.43 -1.56
C ILE A 197 5.45 26.47 -0.83
N PRO A 198 4.50 25.62 -1.26
CA PRO A 198 3.28 25.37 -0.49
C PRO A 198 3.58 24.94 0.94
N ASP A 199 2.72 25.32 1.90
CA ASP A 199 2.94 24.98 3.30
C ASP A 199 2.55 23.54 3.66
N THR A 200 2.10 22.77 2.68
CA THR A 200 1.68 21.39 2.95
C THR A 200 2.79 20.38 2.67
N TRP A 201 3.86 20.84 2.03
CA TRP A 201 4.94 19.94 1.62
C TRP A 201 5.83 19.52 2.76
N ALA A 202 6.26 20.50 3.55
CA ALA A 202 7.39 20.27 4.42
C ALA A 202 7.38 21.11 5.69
N VAL A 203 8.40 20.91 6.50
CA VAL A 203 8.36 21.34 7.89
C VAL A 203 9.76 21.78 8.31
N ASP A 204 9.86 22.78 9.19
CA ASP A 204 11.17 23.22 9.68
C ASP A 204 11.69 22.30 10.79
N LYS A 205 12.79 22.68 11.44
CA LYS A 205 13.38 21.83 12.48
C LYS A 205 12.51 21.72 13.73
N ASN A 206 11.48 22.54 13.81
CA ASN A 206 10.57 22.48 14.95
C ASN A 206 9.29 21.73 14.61
N GLY A 207 9.21 21.24 13.39
CA GLY A 207 8.04 20.50 12.96
C GLY A 207 6.90 21.42 12.56
N VAL A 208 7.19 22.71 12.46
CA VAL A 208 6.23 23.70 11.98
C VAL A 208 6.32 23.82 10.47
N PRO A 209 5.19 23.64 9.77
CA PRO A 209 5.20 23.72 8.31
C PRO A 209 5.65 25.09 7.80
N THR A 210 6.31 25.09 6.65
CA THR A 210 7.00 26.29 6.19
C THR A 210 6.82 26.50 4.70
N THR A 211 6.93 27.75 4.26
CA THR A 211 6.90 28.11 2.85
C THR A 211 8.30 28.51 2.36
N ASP A 212 9.27 28.50 3.27
CA ASP A 212 10.66 28.80 2.94
C ASP A 212 11.44 27.49 2.74
N PRO A 213 11.83 27.20 1.49
CA PRO A 213 12.55 25.96 1.16
C PRO A 213 13.90 25.87 1.85
N PHE A 214 14.43 26.99 2.33
CA PHE A 214 15.71 27.01 3.02
C PHE A 214 15.47 26.71 4.48
N ALA A 215 14.23 26.90 4.91
CA ALA A 215 13.83 26.59 6.29
C ALA A 215 13.54 25.09 6.46
N VAL A 216 13.28 24.41 5.35
CA VAL A 216 12.85 23.00 5.39
C VAL A 216 13.89 22.06 5.97
N HIS A 217 13.49 21.32 7.01
CA HIS A 217 14.35 20.31 7.61
C HIS A 217 13.86 18.88 7.29
N ALA A 218 12.54 18.70 7.18
CA ALA A 218 11.94 17.38 6.90
C ALA A 218 10.62 17.45 6.09
N LEU A 219 10.23 16.35 5.47
CA LEU A 219 9.00 16.30 4.65
C LEU A 219 7.83 15.82 5.49
N LEU A 220 6.62 16.19 5.08
CA LEU A 220 5.40 15.72 5.74
C LEU A 220 4.90 14.44 5.05
N PRO A 221 4.25 13.55 5.81
CA PRO A 221 3.65 12.34 5.23
C PRO A 221 2.32 12.67 4.55
N ALA A 222 2.02 12.02 3.42
CA ALA A 222 0.74 12.21 2.75
C ALA A 222 -0.43 11.86 3.69
N ALA A 223 -1.50 12.65 3.65
CA ALA A 223 -2.70 12.38 4.47
C ALA A 223 -2.41 12.08 5.95
N GLY A 224 -1.47 12.83 6.52
CA GLY A 224 -1.19 12.77 7.94
C GLY A 224 -0.82 11.39 8.43
N PRO A 225 -1.59 10.85 9.38
CA PRO A 225 -1.34 9.53 9.96
C PRO A 225 -1.37 8.41 8.93
N LYS A 226 -2.01 8.64 7.79
CA LYS A 226 -2.17 7.57 6.80
C LYS A 226 -0.87 7.28 6.06
N GLY A 227 -0.27 8.31 5.44
CA GLY A 227 1.05 8.18 4.84
C GLY A 227 2.07 7.73 5.87
N TYR A 228 2.00 8.29 7.08
CA TYR A 228 2.79 7.85 8.24
C TYR A 228 2.71 6.32 8.47
N GLY A 229 1.50 5.79 8.63
CA GLY A 229 1.32 4.35 8.78
C GLY A 229 1.83 3.55 7.57
N LEU A 230 1.66 4.11 6.37
CA LEU A 230 2.06 3.39 5.18
C LEU A 230 3.57 3.28 5.07
N MET A 231 4.28 4.38 5.33
CA MET A 231 5.75 4.29 5.29
C MET A 231 6.28 3.42 6.45
N MET A 232 5.56 3.41 7.58
CA MET A 232 5.91 2.50 8.69
C MET A 232 5.82 1.05 8.21
N MET A 233 4.75 0.76 7.48
CA MET A 233 4.49 -0.59 7.02
C MET A 233 5.54 -1.03 6.01
N ILE A 234 5.90 -0.13 5.10
CA ILE A 234 6.89 -0.42 4.08
C ILE A 234 8.24 -0.68 4.73
N ASP A 235 8.60 0.12 5.73
CA ASP A 235 9.83 -0.11 6.52
C ASP A 235 9.84 -1.45 7.26
N VAL A 236 8.71 -1.82 7.86
CA VAL A 236 8.63 -3.10 8.56
C VAL A 236 8.78 -4.24 7.56
N LEU A 237 8.13 -4.10 6.40
CA LEU A 237 8.10 -5.17 5.42
C LEU A 237 9.41 -5.32 4.59
N SER A 238 10.10 -4.22 4.32
CA SER A 238 11.28 -4.27 3.45
C SER A 238 12.55 -4.01 4.23
N GLY A 239 12.41 -3.74 5.53
CA GLY A 239 13.56 -3.50 6.40
C GLY A 239 13.60 -4.41 7.61
N VAL A 240 12.69 -4.21 8.56
CA VAL A 240 12.70 -5.03 9.79
C VAL A 240 12.51 -6.50 9.44
N LEU A 241 11.61 -6.79 8.50
CA LEU A 241 11.39 -8.17 8.06
C LEU A 241 12.69 -8.84 7.55
N LEU A 242 13.58 -8.04 6.97
CA LEU A 242 14.75 -8.63 6.34
C LEU A 242 15.97 -8.58 7.25
N GLY A 243 15.79 -8.06 8.47
CA GLY A 243 16.90 -7.98 9.41
C GLY A 243 17.87 -6.85 9.11
N LEU A 244 17.37 -5.85 8.40
CA LEU A 244 18.18 -4.71 8.00
C LEU A 244 18.01 -3.52 8.97
N PRO A 245 18.94 -2.54 8.89
CA PRO A 245 18.72 -1.27 9.58
C PRO A 245 17.36 -0.67 9.23
N PHE A 246 16.69 -0.08 10.20
CA PHE A 246 15.32 0.35 9.95
C PHE A 246 15.06 1.78 10.42
N GLY A 247 14.02 2.37 9.85
CA GLY A 247 13.59 3.73 10.18
C GLY A 247 14.75 4.69 10.19
N ARG A 248 15.02 5.22 11.39
CA ARG A 248 16.09 6.18 11.65
C ARG A 248 17.46 5.74 11.15
N GLN A 249 17.68 4.41 11.20
CA GLN A 249 19.00 3.81 10.99
C GLN A 249 19.40 3.72 9.55
N VAL A 250 18.42 3.91 8.67
CA VAL A 250 18.62 3.74 7.23
C VAL A 250 19.62 4.78 6.74
N SER A 251 20.54 4.35 5.87
CA SER A 251 21.60 5.22 5.39
C SER A 251 21.03 6.36 4.56
N SER A 252 21.58 7.55 4.77
CA SER A 252 21.23 8.70 3.95
C SER A 252 22.08 8.73 2.67
N MET A 253 21.58 9.46 1.69
CA MET A 253 22.14 9.48 0.33
C MET A 253 23.62 9.90 0.28
N TYR A 254 23.96 10.97 0.99
CA TYR A 254 25.33 11.50 0.94
C TYR A 254 26.12 11.25 2.21
N ASP A 255 25.70 10.27 3.03
CA ASP A 255 26.41 9.95 4.26
C ASP A 255 27.86 9.55 3.96
N ASP A 256 28.00 8.42 3.25
CA ASP A 256 29.31 7.88 2.90
C ASP A 256 29.29 7.27 1.51
N LEU A 257 29.79 8.02 0.54
CA LEU A 257 29.86 7.57 -0.85
C LEU A 257 30.70 6.31 -1.03
N HIS A 258 31.55 6.00 -0.06
CA HIS A 258 32.40 4.82 -0.16
C HIS A 258 31.74 3.61 0.49
N ALA A 259 30.57 3.81 1.08
CA ALA A 259 29.91 2.71 1.78
C ALA A 259 28.60 2.29 1.13
N GLY A 260 28.34 0.99 1.12
CA GLY A 260 27.06 0.47 0.67
C GLY A 260 25.90 1.07 1.45
N ARG A 261 24.78 1.29 0.75
CA ARG A 261 23.55 1.81 1.35
C ARG A 261 22.89 0.82 2.32
N ASN A 262 23.03 -0.48 2.03
CA ASN A 262 22.37 -1.55 2.80
C ASN A 262 20.82 -1.49 2.80
N LEU A 263 20.24 -0.99 1.72
CA LEU A 263 18.80 -0.83 1.65
C LEU A 263 18.07 -2.16 1.45
N GLY A 264 16.80 -2.18 1.84
CA GLY A 264 15.93 -3.32 1.59
C GLY A 264 14.73 -2.99 0.71
N GLN A 265 14.28 -3.99 -0.03
CA GLN A 265 13.11 -3.89 -0.88
C GLN A 265 12.35 -5.20 -0.77
N LEU A 266 11.01 -5.12 -0.85
CA LEU A 266 10.19 -6.33 -0.84
C LEU A 266 9.30 -6.36 -2.08
N HIS A 267 9.30 -7.51 -2.77
CA HIS A 267 8.37 -7.78 -3.86
C HIS A 267 7.32 -8.78 -3.38
N ILE A 268 6.09 -8.58 -3.80
CA ILE A 268 5.04 -9.58 -3.62
C ILE A 268 4.39 -9.85 -4.99
N VAL A 269 4.39 -11.09 -5.46
CA VAL A 269 3.75 -11.40 -6.74
C VAL A 269 2.63 -12.44 -6.56
N ILE A 270 1.51 -12.19 -7.23
CA ILE A 270 0.35 -13.08 -7.14
C ILE A 270 -0.04 -13.53 -8.55
N ASN A 271 -0.02 -14.85 -8.78
CA ASN A 271 -0.48 -15.42 -10.04
C ASN A 271 -2.01 -15.56 -10.01
N PRO A 272 -2.71 -14.76 -10.85
CA PRO A 272 -4.18 -14.75 -10.84
C PRO A 272 -4.75 -16.12 -11.20
N ASN A 273 -3.98 -16.94 -11.90
CA ASN A 273 -4.42 -18.28 -12.28
C ASN A 273 -4.69 -19.16 -11.08
N PHE A 274 -4.13 -18.81 -9.94
CA PHE A 274 -4.28 -19.62 -8.73
C PHE A 274 -5.53 -19.20 -7.94
N PHE A 275 -6.36 -18.34 -8.52
CA PHE A 275 -7.53 -17.83 -7.80
C PHE A 275 -8.76 -17.88 -8.66
N SER A 276 -8.65 -17.53 -9.94
CA SER A 276 -9.84 -17.48 -10.80
C SER A 276 -9.37 -17.45 -12.25
N SER A 277 -10.28 -17.27 -13.20
CA SER A 277 -9.83 -17.24 -14.60
C SER A 277 -8.96 -16.04 -14.93
N SER A 278 -7.73 -16.29 -15.40
CA SER A 278 -6.82 -15.19 -15.66
C SER A 278 -7.30 -14.38 -16.87
N GLU A 279 -7.94 -15.04 -17.82
CA GLU A 279 -8.50 -14.33 -18.97
C GLU A 279 -9.58 -13.37 -18.52
N LEU A 280 -10.46 -13.81 -17.62
CA LEU A 280 -11.50 -12.91 -17.12
C LEU A 280 -10.92 -11.79 -16.25
N PHE A 281 -9.91 -12.12 -15.47
CA PHE A 281 -9.19 -11.12 -14.70
C PHE A 281 -8.71 -9.98 -15.60
N ARG A 282 -8.06 -10.36 -16.70
CA ARG A 282 -7.49 -9.39 -17.61
C ARG A 282 -8.57 -8.57 -18.27
N GLN A 283 -9.66 -9.22 -18.68
CA GLN A 283 -10.80 -8.48 -19.23
C GLN A 283 -11.35 -7.48 -18.19
N HIS A 284 -11.42 -7.88 -16.93
CA HIS A 284 -11.97 -7.01 -15.90
C HIS A 284 -11.03 -5.83 -15.59
N LEU A 285 -9.73 -6.04 -15.75
CA LEU A 285 -8.75 -4.97 -15.62
C LEU A 285 -8.95 -3.96 -16.74
N SER A 286 -9.09 -4.46 -17.97
CA SER A 286 -9.30 -3.61 -19.13
C SER A 286 -10.63 -2.86 -19.06
N GLN A 287 -11.64 -3.51 -18.50
CA GLN A 287 -12.93 -2.87 -18.27
C GLN A 287 -12.87 -1.76 -17.21
N THR A 288 -12.10 -2.00 -16.15
CA THR A 288 -11.88 -1.01 -15.10
C THR A 288 -11.30 0.27 -15.71
N MET A 289 -10.24 0.10 -16.49
CA MET A 289 -9.55 1.21 -17.12
C MET A 289 -10.46 2.03 -18.05
N ARG A 290 -11.27 1.34 -18.85
CA ARG A 290 -12.25 2.00 -19.73
C ARG A 290 -13.29 2.73 -18.93
N GLU A 291 -13.87 2.05 -17.95
CA GLU A 291 -14.98 2.64 -17.21
C GLU A 291 -14.52 3.86 -16.42
N LEU A 292 -13.34 3.78 -15.82
CA LEU A 292 -12.82 4.94 -15.06
C LEU A 292 -12.55 6.13 -15.99
N ASN A 293 -11.95 5.85 -17.14
CA ASN A 293 -11.65 6.90 -18.10
C ASN A 293 -12.95 7.49 -18.72
N ALA A 294 -14.05 6.76 -18.61
CA ALA A 294 -15.35 7.23 -19.13
C ALA A 294 -16.19 7.99 -18.11
N ILE A 295 -15.69 8.09 -16.89
CA ILE A 295 -16.39 8.83 -15.82
C ILE A 295 -16.54 10.32 -16.18
N THR A 296 -17.70 10.89 -15.89
CA THR A 296 -17.95 12.33 -16.02
C THR A 296 -17.02 13.12 -15.09
N PRO A 297 -16.08 13.90 -15.67
CA PRO A 297 -15.12 14.69 -14.89
C PRO A 297 -15.79 15.82 -14.12
N ALA A 298 -15.24 16.17 -12.96
CA ALA A 298 -15.74 17.30 -12.20
C ALA A 298 -15.38 18.56 -12.97
N PRO A 299 -16.09 19.68 -12.71
CA PRO A 299 -15.73 20.91 -13.43
C PRO A 299 -14.28 21.27 -13.11
N GLY A 300 -13.55 21.76 -14.10
CA GLY A 300 -12.15 22.06 -13.91
C GLY A 300 -11.29 21.01 -14.60
N PHE A 301 -11.72 19.76 -14.50
CA PHE A 301 -10.96 18.63 -15.04
C PHE A 301 -11.35 18.32 -16.47
N ASN A 302 -10.33 18.04 -17.28
CA ASN A 302 -10.54 17.71 -18.68
C ASN A 302 -11.00 16.27 -18.85
N GLN A 303 -10.58 15.41 -17.92
CA GLN A 303 -10.84 13.99 -18.02
C GLN A 303 -10.63 13.36 -16.65
N VAL A 304 -11.15 12.15 -16.46
CA VAL A 304 -10.74 11.31 -15.35
C VAL A 304 -9.72 10.30 -15.87
N TYR A 305 -8.58 10.16 -15.18
CA TYR A 305 -7.65 9.10 -15.52
C TYR A 305 -7.97 7.84 -14.70
N TYR A 306 -7.62 6.68 -15.24
CA TYR A 306 -7.46 5.51 -14.38
C TYR A 306 -6.03 5.63 -13.80
N PRO A 307 -5.79 5.03 -12.61
CA PRO A 307 -4.49 5.26 -11.98
C PRO A 307 -3.29 4.94 -12.85
N GLY A 308 -2.34 5.88 -12.88
CA GLY A 308 -1.15 5.76 -13.69
C GLY A 308 -1.35 6.02 -15.17
N GLN A 309 -2.58 6.32 -15.58
CA GLN A 309 -2.86 6.48 -17.01
C GLN A 309 -2.05 7.62 -17.61
N ASP A 310 -1.99 8.74 -16.89
CA ASP A 310 -1.23 9.88 -17.37
C ASP A 310 0.24 9.54 -17.63
N GLN A 311 0.84 8.68 -16.80
CA GLN A 311 2.20 8.20 -17.02
C GLN A 311 2.27 7.28 -18.22
N ASP A 312 1.21 6.48 -18.45
CA ASP A 312 1.20 5.58 -19.60
C ASP A 312 1.15 6.40 -20.89
N ILE A 313 0.34 7.45 -20.87
CA ILE A 313 0.23 8.37 -22.00
C ILE A 313 1.58 9.06 -22.28
N LYS A 314 2.20 9.61 -21.24
CA LYS A 314 3.56 10.17 -21.37
C LYS A 314 4.56 9.15 -21.91
N GLN A 315 4.46 7.90 -21.47
CA GLN A 315 5.41 6.87 -21.88
C GLN A 315 5.27 6.53 -23.37
N ARG A 316 4.03 6.62 -23.84
CA ARG A 316 3.66 6.31 -25.23
C ARG A 316 4.02 7.47 -26.15
N LYS A 317 3.74 8.68 -25.69
CA LYS A 317 4.12 9.91 -26.38
C LYS A 317 5.64 9.99 -26.50
N ALA A 318 6.33 9.25 -25.64
CA ALA A 318 7.79 9.27 -25.58
C ALA A 318 8.41 8.38 -26.63
N ALA A 319 7.77 7.25 -26.89
CA ALA A 319 8.26 6.33 -27.92
C ALA A 319 8.20 6.97 -29.31
N VAL A 320 7.19 7.80 -29.53
CA VAL A 320 7.04 8.53 -30.78
C VAL A 320 8.04 9.67 -30.82
N GLU A 321 7.89 10.56 -29.84
CA GLU A 321 8.46 11.90 -29.89
C GLU A 321 9.82 12.07 -29.19
N GLY A 322 10.18 11.11 -28.33
CA GLY A 322 11.43 11.18 -27.59
C GLY A 322 11.24 11.60 -26.14
N ILE A 323 12.23 11.28 -25.30
CA ILE A 323 12.17 11.60 -23.88
C ILE A 323 12.62 13.03 -23.56
N GLU A 324 11.79 13.77 -22.82
CA GLU A 324 12.16 15.11 -22.37
C GLU A 324 13.17 14.97 -21.23
N ILE A 325 14.17 15.85 -21.21
CA ILE A 325 15.27 15.74 -20.23
C ILE A 325 15.92 17.11 -20.01
N VAL A 326 16.00 17.54 -18.74
CA VAL A 326 16.58 18.83 -18.42
C VAL A 326 18.04 18.89 -18.92
N ASP A 327 18.42 20.06 -19.44
CA ASP A 327 19.49 20.22 -20.44
C ASP A 327 20.92 19.73 -20.17
N ASP A 328 21.39 19.96 -18.95
CA ASP A 328 22.81 19.82 -18.62
C ASP A 328 23.18 18.37 -18.32
N ILE A 329 22.20 17.61 -17.83
CA ILE A 329 22.34 16.17 -17.66
C ILE A 329 22.83 15.57 -18.96
N TYR A 330 22.27 16.07 -20.05
CA TYR A 330 22.69 15.64 -21.37
C TYR A 330 24.17 15.99 -21.60
N GLN A 331 24.54 17.23 -21.25
CA GLN A 331 25.92 17.69 -21.42
C GLN A 331 26.91 16.91 -20.55
N TYR A 332 26.45 16.50 -19.35
CA TYR A 332 27.25 15.62 -18.50
C TYR A 332 27.47 14.26 -19.16
N LEU A 333 26.40 13.75 -19.74
CA LEU A 333 26.35 12.36 -20.19
C LEU A 333 27.33 11.95 -21.30
N ILE A 334 27.68 12.91 -22.15
CA ILE A 334 28.51 12.62 -23.33
C ILE A 334 30.01 12.56 -23.01
N SER A 335 30.43 13.47 -22.14
CA SER A 335 31.84 13.71 -21.83
C SER A 335 32.58 12.54 -21.18
N ASP A 336 33.72 12.89 -20.57
CA ASP A 336 34.63 11.92 -19.98
C ASP A 336 34.72 12.08 -18.45
N ALA A 337 34.03 13.09 -17.93
CA ALA A 337 34.03 13.40 -16.48
C ALA A 337 32.88 12.70 -15.73
N LEU A 338 33.23 11.98 -14.67
CA LEU A 338 32.24 11.29 -13.84
C LEU A 338 31.60 12.24 -12.83
N TYR A 339 32.44 12.93 -12.06
CA TYR A 339 31.94 13.89 -11.07
C TYR A 339 32.83 15.12 -10.90
N ILE B 5 -20.20 -1.45 31.82
CA ILE B 5 -20.60 -2.61 31.00
C ILE B 5 -19.40 -3.45 30.55
N SER B 6 -19.32 -4.70 31.00
CA SER B 6 -18.14 -5.53 30.70
C SER B 6 -18.07 -6.10 29.26
N ARG B 7 -16.89 -6.60 28.90
CA ARG B 7 -16.68 -7.16 27.57
C ARG B 7 -17.42 -8.47 27.31
N GLU B 8 -17.32 -9.40 28.27
CA GLU B 8 -18.07 -10.65 28.19
C GLU B 8 -19.58 -10.40 28.27
N THR B 9 -19.95 -9.21 28.73
CA THR B 9 -21.34 -8.77 28.86
C THR B 9 -22.00 -8.44 27.54
N LEU B 10 -21.41 -7.50 26.78
CA LEU B 10 -21.95 -7.14 25.47
C LEU B 10 -21.89 -8.33 24.55
N HIS B 11 -20.78 -9.06 24.62
CA HIS B 11 -20.62 -10.27 23.84
C HIS B 11 -21.80 -11.21 24.06
N GLN B 12 -21.99 -11.67 25.30
CA GLN B 12 -23.12 -12.55 25.63
C GLN B 12 -24.50 -11.95 25.24
N LEU B 13 -24.64 -10.62 25.31
CA LEU B 13 -25.83 -9.93 24.82
C LEU B 13 -26.00 -10.03 23.31
N ILE B 14 -24.96 -9.63 22.59
CA ILE B 14 -24.98 -9.68 21.13
C ILE B 14 -25.05 -11.14 20.65
N GLU B 15 -24.27 -12.01 21.28
CA GLU B 15 -24.35 -13.44 21.01
C GLU B 15 -25.81 -13.93 21.12
N ASN B 16 -26.47 -13.52 22.20
CA ASN B 16 -27.89 -13.82 22.40
C ASN B 16 -28.79 -13.29 21.28
N LYS B 17 -28.78 -11.97 21.08
CA LYS B 17 -29.64 -11.31 20.09
C LYS B 17 -29.49 -11.90 18.69
N LEU B 18 -28.25 -12.01 18.23
CA LEU B 18 -27.99 -12.50 16.89
C LEU B 18 -28.39 -13.96 16.74
N CYS B 19 -28.24 -14.74 17.81
CA CYS B 19 -28.61 -16.15 17.78
C CYS B 19 -30.13 -16.26 17.72
N GLN B 20 -30.80 -15.23 18.24
CA GLN B 20 -32.26 -15.12 18.14
C GLN B 20 -32.61 -14.74 16.70
N ALA B 21 -31.90 -13.76 16.17
CA ALA B 21 -32.17 -13.25 14.82
C ALA B 21 -32.03 -14.32 13.73
N GLY B 22 -31.31 -15.41 14.04
CA GLY B 22 -31.19 -16.53 13.13
C GLY B 22 -29.88 -17.29 13.16
N LEU B 23 -28.80 -16.63 13.55
CA LEU B 23 -27.47 -17.19 13.48
C LEU B 23 -27.20 -18.35 14.44
N LYS B 24 -26.34 -19.27 14.01
CA LYS B 24 -25.74 -20.25 14.91
C LYS B 24 -25.11 -19.51 16.08
N ARG B 25 -25.10 -20.15 17.25
CA ARG B 25 -24.50 -19.52 18.42
C ARG B 25 -23.03 -19.22 18.11
N GLU B 26 -22.34 -20.22 17.57
CA GLU B 26 -20.93 -20.08 17.22
C GLU B 26 -20.67 -18.86 16.33
N HIS B 27 -21.63 -18.55 15.46
CA HIS B 27 -21.51 -17.41 14.55
C HIS B 27 -21.85 -16.11 15.25
N ALA B 28 -22.86 -16.15 16.11
CA ALA B 28 -23.28 -14.95 16.84
C ALA B 28 -22.17 -14.46 17.78
N ALA B 29 -21.51 -15.39 18.44
CA ALA B 29 -20.40 -15.06 19.32
C ALA B 29 -19.29 -14.36 18.53
N THR B 30 -18.90 -14.96 17.40
CA THR B 30 -17.86 -14.37 16.56
C THR B 30 -18.18 -12.96 16.04
N VAL B 31 -19.39 -12.74 15.55
CA VAL B 31 -19.81 -11.40 15.15
C VAL B 31 -19.77 -10.44 16.33
N ALA B 32 -20.26 -10.93 17.46
CA ALA B 32 -20.24 -10.18 18.71
C ALA B 32 -18.80 -9.74 19.03
N GLU B 33 -17.92 -10.72 19.12
CA GLU B 33 -16.49 -10.49 19.30
C GLU B 33 -15.97 -9.29 18.51
N VAL B 34 -16.24 -9.28 17.21
CA VAL B 34 -15.67 -8.28 16.31
C VAL B 34 -16.33 -6.93 16.49
N LEU B 35 -17.62 -6.92 16.83
CA LEU B 35 -18.28 -5.64 17.10
C LEU B 35 -17.79 -5.09 18.44
N VAL B 36 -17.47 -6.00 19.35
CA VAL B 36 -17.00 -5.65 20.69
C VAL B 36 -15.58 -5.05 20.61
N TYR B 37 -14.69 -5.72 19.87
CA TYR B 37 -13.38 -5.20 19.54
C TYR B 37 -13.44 -3.76 19.05
N ALA B 38 -14.32 -3.48 18.10
CA ALA B 38 -14.35 -2.17 17.43
C ALA B 38 -14.78 -1.00 18.33
N ASP B 39 -15.70 -1.26 19.25
CA ASP B 39 -16.21 -0.19 20.10
C ASP B 39 -15.15 0.21 21.11
N ALA B 40 -14.48 -0.80 21.66
CA ALA B 40 -13.34 -0.60 22.55
C ALA B 40 -12.28 0.34 21.95
N ARG B 41 -12.04 0.27 20.64
CA ARG B 41 -10.95 1.04 20.04
C ARG B 41 -11.46 2.39 19.56
N GLY B 42 -12.75 2.65 19.79
CA GLY B 42 -13.33 3.92 19.42
C GLY B 42 -13.68 3.95 17.95
N ILE B 43 -13.72 2.77 17.34
CA ILE B 43 -14.17 2.66 15.95
C ILE B 43 -15.68 2.45 15.98
N HIS B 44 -16.42 3.54 16.16
CA HIS B 44 -17.84 3.43 16.42
C HIS B 44 -18.59 3.19 15.11
N SER B 45 -17.93 3.54 14.02
CA SER B 45 -18.39 3.25 12.67
C SER B 45 -18.69 1.77 12.43
N HIS B 46 -18.22 0.91 13.34
CA HIS B 46 -18.33 -0.52 13.14
C HIS B 46 -18.62 -1.25 14.42
N GLY B 47 -18.83 -0.50 15.49
CA GLY B 47 -19.15 -1.11 16.77
C GLY B 47 -20.60 -1.54 16.85
N ALA B 48 -21.06 -1.82 18.08
CA ALA B 48 -22.40 -2.34 18.34
C ALA B 48 -23.56 -1.39 18.00
N VAL B 49 -23.30 -0.33 17.26
CA VAL B 49 -24.37 0.50 16.75
C VAL B 49 -24.98 -0.20 15.56
N ARG B 50 -24.42 -1.36 15.21
CA ARG B 50 -24.76 -2.00 13.95
C ARG B 50 -25.48 -3.33 14.13
N VAL B 51 -25.69 -3.72 15.38
CA VAL B 51 -26.35 -4.99 15.68
C VAL B 51 -27.71 -5.15 15.01
N GLU B 52 -28.51 -4.10 15.01
CA GLU B 52 -29.87 -4.17 14.49
C GLU B 52 -29.91 -4.28 12.97
N TYR B 53 -29.06 -3.53 12.28
CA TYR B 53 -28.90 -3.69 10.84
C TYR B 53 -28.55 -5.13 10.54
N TYR B 54 -27.56 -5.64 11.27
CA TYR B 54 -27.14 -7.03 11.12
C TYR B 54 -28.28 -8.01 11.41
N ALA B 55 -28.96 -7.79 12.55
CA ALA B 55 -30.08 -8.63 12.96
C ALA B 55 -31.16 -8.69 11.89
N GLU B 56 -31.47 -7.53 11.30
CA GLU B 56 -32.46 -7.47 10.25
C GLU B 56 -32.01 -8.35 9.09
N ARG B 57 -30.80 -8.10 8.60
CA ARG B 57 -30.25 -8.82 7.45
C ARG B 57 -30.20 -10.32 7.73
N ILE B 58 -29.78 -10.70 8.94
CA ILE B 58 -29.79 -12.13 9.31
C ILE B 58 -31.19 -12.74 9.19
N SER B 59 -32.18 -12.10 9.82
CA SER B 59 -33.55 -12.60 9.82
C SER B 59 -34.14 -12.67 8.40
N LYS B 60 -33.80 -11.68 7.58
CA LYS B 60 -34.31 -11.61 6.22
C LYS B 60 -33.52 -12.45 5.19
N GLY B 61 -32.54 -13.21 5.65
CA GLY B 61 -31.80 -14.10 4.76
C GLY B 61 -30.73 -13.43 3.92
N GLY B 62 -30.59 -12.11 4.04
CA GLY B 62 -29.54 -11.38 3.33
C GLY B 62 -28.14 -11.63 3.85
N THR B 63 -28.06 -12.44 4.91
CA THR B 63 -26.82 -12.98 5.43
C THR B 63 -27.12 -14.45 5.63
N ASN B 64 -26.23 -15.32 5.17
CA ASN B 64 -26.54 -16.75 5.18
C ASN B 64 -26.39 -17.38 6.57
N ARG B 65 -27.50 -17.78 7.18
CA ARG B 65 -27.45 -18.43 8.50
C ARG B 65 -27.00 -19.87 8.42
N GLU B 66 -27.05 -20.44 7.24
CA GLU B 66 -26.53 -21.80 7.04
C GLU B 66 -25.57 -21.86 5.84
N PRO B 67 -24.43 -21.16 5.94
CA PRO B 67 -23.49 -21.11 4.80
C PRO B 67 -22.83 -22.46 4.59
N GLU B 68 -22.62 -22.82 3.33
CA GLU B 68 -21.88 -24.02 2.99
C GLU B 68 -20.42 -23.66 2.77
N PHE B 69 -19.65 -23.51 3.85
CA PHE B 69 -18.25 -23.13 3.75
C PHE B 69 -17.43 -24.14 2.94
N ARG B 70 -16.60 -23.60 2.05
CA ARG B 70 -15.69 -24.45 1.30
C ARG B 70 -14.34 -23.77 1.21
N LEU B 71 -13.35 -24.38 1.87
CA LEU B 71 -11.99 -23.87 1.80
C LEU B 71 -11.24 -24.62 0.72
N GLU B 72 -11.00 -23.93 -0.39
CA GLU B 72 -10.31 -24.55 -1.51
C GLU B 72 -8.86 -24.10 -1.49
N GLU B 73 -7.93 -25.02 -1.23
CA GLU B 73 -6.51 -24.68 -1.30
C GLU B 73 -6.08 -24.72 -2.77
N THR B 74 -5.45 -23.65 -3.25
CA THR B 74 -5.08 -23.59 -4.67
C THR B 74 -3.59 -23.77 -4.88
N GLY B 75 -2.84 -23.72 -3.79
CA GLY B 75 -1.39 -23.84 -3.87
C GLY B 75 -0.84 -23.96 -2.47
N PRO B 76 0.48 -24.08 -2.36
CA PRO B 76 1.06 -24.27 -1.02
C PRO B 76 0.83 -23.04 -0.14
N CYS B 77 0.55 -21.89 -0.76
CA CYS B 77 0.44 -20.65 -0.01
C CYS B 77 -0.81 -19.85 -0.37
N SER B 78 -1.73 -20.50 -1.08
CA SER B 78 -2.92 -19.81 -1.53
C SER B 78 -4.19 -20.63 -1.30
N ALA B 79 -5.30 -19.93 -1.11
CA ALA B 79 -6.58 -20.56 -0.87
C ALA B 79 -7.68 -19.57 -1.07
N ILE B 80 -8.86 -20.10 -1.38
CA ILE B 80 -10.07 -19.31 -1.38
C ILE B 80 -11.02 -19.95 -0.39
N LEU B 81 -11.58 -19.14 0.50
CA LEU B 81 -12.66 -19.61 1.35
C LEU B 81 -13.97 -19.22 0.67
N HIS B 82 -14.68 -20.20 0.11
CA HIS B 82 -15.98 -19.91 -0.48
C HIS B 82 -16.97 -19.77 0.67
N ALA B 83 -17.42 -18.54 0.89
CA ALA B 83 -18.11 -18.20 2.16
C ALA B 83 -19.64 -18.26 2.13
N ASP B 84 -20.22 -18.42 0.93
CA ASP B 84 -21.66 -18.64 0.76
C ASP B 84 -22.45 -17.49 1.38
N ASN B 85 -21.89 -16.28 1.33
CA ASN B 85 -22.49 -15.08 1.94
C ASN B 85 -22.77 -15.15 3.43
N ALA B 86 -21.97 -15.94 4.14
CA ALA B 86 -21.99 -15.92 5.60
C ALA B 86 -21.61 -14.53 6.13
N ALA B 87 -21.95 -14.26 7.39
CA ALA B 87 -21.49 -13.06 8.08
C ALA B 87 -19.98 -12.85 7.82
N GLY B 88 -19.62 -11.62 7.48
CA GLY B 88 -18.26 -11.31 7.11
C GLY B 88 -17.28 -11.53 8.26
N GLN B 89 -17.73 -11.20 9.47
CA GLN B 89 -16.90 -11.44 10.66
C GLN B 89 -16.54 -12.92 10.76
N VAL B 90 -17.51 -13.79 10.52
CA VAL B 90 -17.25 -15.23 10.59
C VAL B 90 -16.33 -15.68 9.44
N ALA B 91 -16.64 -15.24 8.23
CA ALA B 91 -15.89 -15.63 7.04
C ALA B 91 -14.43 -15.17 7.13
N ALA B 92 -14.25 -13.87 7.34
CA ALA B 92 -12.92 -13.28 7.42
C ALA B 92 -12.08 -13.94 8.51
N LYS B 93 -12.67 -14.13 9.69
CA LYS B 93 -11.95 -14.81 10.78
C LYS B 93 -11.51 -16.22 10.39
N MET B 94 -12.42 -16.94 9.74
CA MET B 94 -12.12 -18.30 9.31
C MET B 94 -10.95 -18.35 8.31
N GLY B 95 -10.97 -17.45 7.32
CA GLY B 95 -9.92 -17.42 6.31
C GLY B 95 -8.58 -17.03 6.94
N MET B 96 -8.62 -16.16 7.94
CA MET B 96 -7.43 -15.73 8.66
C MET B 96 -6.81 -16.92 9.41
N GLU B 97 -7.66 -17.72 10.05
CA GLU B 97 -7.18 -18.92 10.71
C GLU B 97 -6.45 -19.82 9.74
N HIS B 98 -7.06 -20.08 8.59
CA HIS B 98 -6.35 -20.87 7.58
C HIS B 98 -5.08 -20.16 7.11
N ALA B 99 -5.12 -18.83 6.93
CA ALA B 99 -3.93 -18.09 6.48
C ALA B 99 -2.79 -18.19 7.49
N ILE B 100 -3.12 -18.07 8.77
CA ILE B 100 -2.16 -18.25 9.87
C ILE B 100 -1.54 -19.65 9.86
N LYS B 101 -2.41 -20.64 9.77
CA LYS B 101 -2.00 -22.02 9.70
C LYS B 101 -1.04 -22.21 8.52
N THR B 102 -1.39 -21.63 7.37
CA THR B 102 -0.59 -21.81 6.15
C THR B 102 0.79 -21.14 6.22
N ALA B 103 0.81 -19.88 6.68
CA ALA B 103 2.05 -19.12 6.87
C ALA B 103 2.97 -19.83 7.85
N GLN B 104 2.38 -20.38 8.89
CA GLN B 104 3.13 -21.07 9.93
C GLN B 104 3.91 -22.27 9.36
N GLN B 105 3.30 -22.99 8.43
CA GLN B 105 3.92 -24.15 7.81
C GLN B 105 4.77 -23.83 6.58
N ASN B 106 4.26 -22.99 5.68
CA ASN B 106 4.93 -22.72 4.42
C ASN B 106 5.52 -21.32 4.32
N GLY B 107 5.31 -20.50 5.35
CA GLY B 107 6.02 -19.23 5.44
C GLY B 107 5.24 -18.01 5.00
N VAL B 108 4.33 -18.21 4.05
CA VAL B 108 3.56 -17.12 3.46
C VAL B 108 2.13 -17.61 3.21
N ALA B 109 1.14 -16.71 3.21
CA ALA B 109 -0.22 -17.10 2.85
C ALA B 109 -1.02 -15.95 2.26
N VAL B 110 -1.72 -16.27 1.17
CA VAL B 110 -2.60 -15.31 0.48
C VAL B 110 -3.97 -15.96 0.36
N VAL B 111 -4.92 -15.49 1.15
CA VAL B 111 -6.22 -16.17 1.23
C VAL B 111 -7.32 -15.18 0.92
N GLY B 112 -8.15 -15.54 -0.05
CA GLY B 112 -9.28 -14.71 -0.42
C GLY B 112 -10.55 -15.17 0.27
N ILE B 113 -11.35 -14.22 0.72
CA ILE B 113 -12.67 -14.55 1.26
C ILE B 113 -13.67 -14.24 0.14
N SER B 114 -14.27 -15.28 -0.43
CA SER B 114 -15.17 -15.08 -1.58
C SER B 114 -16.68 -15.16 -1.25
N ARG B 115 -17.38 -14.03 -1.40
CA ARG B 115 -18.83 -13.91 -1.13
C ARG B 115 -19.18 -13.95 0.37
N MET B 116 -19.05 -12.81 1.04
CA MET B 116 -19.30 -12.68 2.46
C MET B 116 -20.06 -11.37 2.71
N GLY B 117 -20.65 -11.23 3.91
CA GLY B 117 -21.22 -9.96 4.32
C GLY B 117 -20.14 -8.99 4.75
N HIS B 118 -20.52 -7.80 5.23
CA HIS B 118 -19.57 -6.87 5.79
C HIS B 118 -18.80 -7.54 6.88
N SER B 119 -17.48 -7.35 6.89
CA SER B 119 -16.64 -8.03 7.89
C SER B 119 -16.33 -7.16 9.11
N GLY B 120 -16.81 -5.92 9.11
CA GLY B 120 -16.58 -5.03 10.26
C GLY B 120 -15.21 -4.35 10.27
N ALA B 121 -14.69 -4.08 11.47
CA ALA B 121 -13.37 -3.48 11.63
C ALA B 121 -12.29 -4.50 11.27
N ILE B 122 -11.72 -4.38 10.08
CA ILE B 122 -10.87 -5.44 9.56
C ILE B 122 -9.53 -5.56 10.28
N SER B 123 -9.16 -4.52 11.03
CA SER B 123 -7.96 -4.59 11.85
C SER B 123 -8.04 -5.76 12.80
N TYR B 124 -9.25 -6.17 13.17
CA TYR B 124 -9.42 -7.35 14.01
C TYR B 124 -8.71 -8.57 13.43
N PHE B 125 -8.84 -8.75 12.11
CA PHE B 125 -8.27 -9.94 11.48
C PHE B 125 -6.75 -9.93 11.40
N VAL B 126 -6.15 -8.76 11.19
CA VAL B 126 -4.69 -8.73 11.16
C VAL B 126 -4.13 -8.90 12.57
N GLN B 127 -4.86 -8.43 13.59
CA GLN B 127 -4.41 -8.65 14.97
C GLN B 127 -4.33 -10.14 15.27
N GLN B 128 -5.27 -10.92 14.71
CA GLN B 128 -5.22 -12.37 14.85
C GLN B 128 -3.87 -12.88 14.43
N ALA B 129 -3.46 -12.46 13.25
CA ALA B 129 -2.19 -12.92 12.71
C ALA B 129 -1.02 -12.47 13.60
N ALA B 130 -1.05 -11.23 14.05
CA ALA B 130 0.03 -10.73 14.89
C ALA B 130 0.08 -11.51 16.21
N ARG B 131 -1.08 -11.79 16.79
CA ARG B 131 -1.16 -12.59 18.02
C ARG B 131 -0.52 -13.96 17.82
N ALA B 132 -0.52 -14.43 16.58
CA ALA B 132 0.04 -15.75 16.27
C ALA B 132 1.53 -15.65 15.97
N GLY B 133 2.09 -14.44 16.10
CA GLY B 133 3.48 -14.22 15.78
C GLY B 133 3.78 -13.85 14.32
N PHE B 134 2.75 -13.57 13.52
CA PHE B 134 2.99 -13.28 12.11
C PHE B 134 2.64 -11.86 11.72
N ILE B 135 3.15 -11.42 10.57
CA ILE B 135 2.67 -10.17 9.98
C ILE B 135 1.34 -10.44 9.27
N GLY B 136 0.36 -9.56 9.49
CA GLY B 136 -0.91 -9.66 8.79
C GLY B 136 -1.28 -8.41 7.98
N ILE B 137 -1.80 -8.65 6.78
CA ILE B 137 -2.33 -7.59 5.93
C ILE B 137 -3.72 -8.02 5.51
N SER B 138 -4.69 -7.13 5.58
CA SER B 138 -6.02 -7.43 5.05
C SER B 138 -6.63 -6.22 4.41
N MET B 139 -7.55 -6.47 3.47
CA MET B 139 -8.19 -5.40 2.74
C MET B 139 -9.48 -5.95 2.15
N CYS B 140 -10.47 -5.08 1.94
CA CYS B 140 -11.68 -5.58 1.31
C CYS B 140 -12.45 -4.54 0.53
N GLN B 141 -13.41 -5.05 -0.25
CA GLN B 141 -14.27 -4.22 -1.07
C GLN B 141 -15.33 -3.54 -0.19
N SER B 142 -15.91 -2.48 -0.72
CA SER B 142 -16.88 -1.75 0.06
C SER B 142 -17.96 -1.17 -0.86
N ASP B 143 -19.13 -0.92 -0.27
CA ASP B 143 -20.25 -0.19 -0.88
C ASP B 143 -19.73 0.99 -1.71
N PRO B 144 -20.00 1.00 -3.04
CA PRO B 144 -19.52 2.09 -3.89
C PRO B 144 -20.03 3.46 -3.37
N MET B 145 -19.13 4.43 -3.23
CA MET B 145 -19.48 5.67 -2.52
C MET B 145 -18.52 6.82 -2.83
N VAL B 146 -17.54 6.57 -3.69
CA VAL B 146 -16.41 7.47 -3.86
C VAL B 146 -16.22 7.83 -5.31
N VAL B 147 -15.92 9.10 -5.57
CA VAL B 147 -15.60 9.49 -6.93
C VAL B 147 -14.13 9.23 -7.16
N PRO B 148 -13.76 8.91 -8.41
CA PRO B 148 -12.34 8.94 -8.77
C PRO B 148 -11.84 10.37 -8.67
N PHE B 149 -10.53 10.54 -8.48
CA PHE B 149 -9.91 11.84 -8.55
C PHE B 149 -10.30 12.53 -9.84
N GLY B 150 -10.90 13.74 -9.72
CA GLY B 150 -11.33 14.51 -10.87
C GLY B 150 -12.71 14.10 -11.37
N GLY B 151 -13.39 13.24 -10.62
CA GLY B 151 -14.62 12.63 -11.12
C GLY B 151 -15.89 13.13 -10.49
N ALA B 152 -16.99 13.00 -11.23
CA ALA B 152 -18.31 13.38 -10.71
C ALA B 152 -19.24 12.18 -10.52
N GLU B 153 -18.79 10.99 -10.94
CA GLU B 153 -19.57 9.75 -10.73
C GLU B 153 -18.89 8.80 -9.72
N ILE B 154 -19.68 7.98 -9.05
CA ILE B 154 -19.18 7.05 -8.07
C ILE B 154 -18.60 5.79 -8.73
N TYR B 155 -17.52 5.22 -8.17
CA TYR B 155 -17.00 3.94 -8.67
C TYR B 155 -16.61 3.02 -7.51
N TYR B 156 -15.60 3.40 -6.75
CA TYR B 156 -15.13 2.54 -5.65
C TYR B 156 -15.79 2.87 -4.33
N GLY B 157 -15.59 2.00 -3.35
CA GLY B 157 -16.07 2.22 -2.01
C GLY B 157 -14.95 2.74 -1.13
N THR B 158 -15.20 2.80 0.18
CA THR B 158 -14.23 3.29 1.14
C THR B 158 -13.24 2.19 1.49
N ASN B 159 -12.97 1.31 0.52
CA ASN B 159 -12.12 0.12 0.69
C ASN B 159 -10.97 0.32 1.65
N PRO B 160 -11.04 -0.32 2.82
CA PRO B 160 -10.04 -0.19 3.88
C PRO B 160 -8.88 -1.16 3.72
N LEU B 161 -7.80 -0.85 4.43
CA LEU B 161 -6.59 -1.65 4.43
C LEU B 161 -6.12 -1.72 5.87
N ALA B 162 -5.62 -2.88 6.28
CA ALA B 162 -5.12 -3.01 7.65
C ALA B 162 -3.83 -3.83 7.65
N PHE B 163 -3.04 -3.63 8.70
CA PHE B 163 -1.72 -4.20 8.80
C PHE B 163 -1.42 -4.36 10.28
N ALA B 164 -0.92 -5.52 10.68
CA ALA B 164 -0.45 -5.65 12.05
C ALA B 164 0.81 -6.48 12.06
N ALA B 165 1.64 -6.27 13.09
CA ALA B 165 2.87 -7.02 13.24
C ALA B 165 3.21 -7.17 14.73
N PRO B 166 3.80 -8.31 15.10
CA PRO B 166 4.05 -8.61 16.52
C PRO B 166 5.29 -7.89 17.08
N GLY B 167 5.17 -7.45 18.32
CA GLY B 167 6.31 -6.93 19.05
C GLY B 167 6.75 -7.96 20.08
N GLU B 168 7.55 -7.53 21.05
CA GLU B 168 7.95 -8.40 22.17
C GLU B 168 6.78 -8.64 23.12
N GLY B 169 6.71 -9.86 23.66
CA GLY B 169 5.67 -10.20 24.62
C GLY B 169 4.28 -10.16 24.01
N ASP B 170 3.51 -9.15 24.40
CA ASP B 170 2.14 -9.05 23.90
C ASP B 170 1.90 -7.78 23.10
N GLU B 171 2.97 -7.05 22.80
CA GLU B 171 2.86 -5.82 22.02
C GLU B 171 2.50 -6.16 20.58
N ILE B 172 1.61 -5.35 20.02
CA ILE B 172 1.24 -5.49 18.62
C ILE B 172 1.18 -4.11 17.99
N LEU B 173 1.80 -3.95 16.83
CA LEU B 173 1.57 -2.73 16.09
C LEU B 173 0.39 -3.00 15.13
N THR B 174 -0.62 -2.14 15.18
CA THR B 174 -1.80 -2.28 14.33
C THR B 174 -2.14 -0.97 13.65
N PHE B 175 -2.14 -0.98 12.31
CA PHE B 175 -2.49 0.21 11.56
C PHE B 175 -3.62 -0.13 10.60
N ASP B 176 -4.62 0.75 10.54
CA ASP B 176 -5.63 0.63 9.51
C ASP B 176 -6.02 2.00 8.95
N MET B 177 -6.50 2.01 7.71
CA MET B 177 -6.90 3.27 7.12
C MET B 177 -7.98 3.06 6.10
N ALA B 178 -8.87 4.04 6.03
CA ALA B 178 -9.84 4.11 4.96
C ALA B 178 -9.16 4.84 3.85
N THR B 179 -9.55 4.53 2.62
CA THR B 179 -8.91 5.16 1.48
C THR B 179 -9.63 6.46 1.10
N THR B 180 -10.69 6.80 1.85
CA THR B 180 -11.34 8.12 1.75
C THR B 180 -10.89 9.07 2.85
N VAL B 181 -11.17 10.36 2.68
CA VAL B 181 -10.95 11.34 3.75
C VAL B 181 -11.82 11.04 4.98
N GLN B 182 -13.12 10.82 4.77
CA GLN B 182 -14.03 10.58 5.88
C GLN B 182 -15.03 9.47 5.56
N ALA B 183 -15.69 8.92 6.57
CA ALA B 183 -16.66 7.86 6.33
C ALA B 183 -18.08 8.39 6.15
N TRP B 184 -18.95 7.55 5.59
CA TRP B 184 -20.33 7.93 5.33
C TRP B 184 -21.07 8.28 6.64
N GLY B 185 -20.64 7.67 7.74
CA GLY B 185 -21.31 7.85 9.02
C GLY B 185 -20.93 9.12 9.76
N LYS B 186 -20.30 10.05 9.04
CA LYS B 186 -20.05 11.38 9.56
C LYS B 186 -20.86 12.34 8.71
N VAL B 187 -21.30 11.83 7.57
CA VAL B 187 -22.10 12.61 6.64
C VAL B 187 -23.57 12.52 7.03
N LEU B 188 -23.99 11.32 7.43
CA LEU B 188 -25.35 11.12 7.92
C LEU B 188 -25.43 11.66 9.34
N ASP B 189 -24.29 11.60 10.03
CA ASP B 189 -24.15 12.16 11.36
C ASP B 189 -24.35 13.68 11.35
N ALA B 190 -23.80 14.33 10.32
CA ALA B 190 -23.88 15.78 10.21
C ALA B 190 -25.23 16.29 9.72
N ARG B 191 -26.11 15.38 9.34
CA ARG B 191 -27.47 15.77 8.99
C ARG B 191 -28.36 15.74 10.24
N SER B 192 -28.03 14.86 11.17
CA SER B 192 -28.76 14.75 12.43
C SER B 192 -28.26 15.78 13.43
N ARG B 193 -27.00 16.17 13.27
CA ARG B 193 -26.44 17.30 14.00
C ARG B 193 -27.07 18.55 13.44
N ASN B 194 -27.42 18.47 12.15
CA ASN B 194 -27.50 19.63 11.29
C ASN B 194 -26.31 20.54 11.58
N MET B 195 -25.24 20.34 10.82
CA MET B 195 -23.97 21.00 11.06
C MET B 195 -23.18 21.01 9.77
N SER B 196 -22.57 22.14 9.44
CA SER B 196 -21.73 22.26 8.26
C SER B 196 -20.55 21.28 8.34
N ILE B 197 -20.07 20.83 7.17
CA ILE B 197 -18.94 19.91 7.12
C ILE B 197 -17.76 20.54 6.41
N PRO B 198 -16.53 20.11 6.74
CA PRO B 198 -15.35 20.58 6.00
C PRO B 198 -15.51 20.29 4.51
N ASP B 199 -14.94 21.13 3.67
CA ASP B 199 -15.04 20.95 2.23
C ASP B 199 -14.11 19.85 1.70
N THR B 200 -13.46 19.12 2.60
CA THR B 200 -12.47 18.12 2.18
C THR B 200 -13.07 16.71 2.06
N TRP B 201 -14.26 16.55 2.62
CA TRP B 201 -14.86 15.25 2.85
C TRP B 201 -15.59 14.63 1.65
N ALA B 202 -16.27 15.46 0.88
CA ALA B 202 -17.28 14.96 -0.04
C ALA B 202 -17.68 15.96 -1.10
N VAL B 203 -18.33 15.47 -2.15
CA VAL B 203 -18.75 16.32 -3.25
C VAL B 203 -20.25 16.21 -3.50
N ASP B 204 -20.76 17.12 -4.31
CA ASP B 204 -22.16 17.07 -4.75
C ASP B 204 -22.30 16.22 -6.02
N LYS B 205 -23.51 16.23 -6.61
CA LYS B 205 -23.79 15.49 -7.83
C LYS B 205 -22.87 15.84 -8.98
N ASN B 206 -22.31 17.06 -8.97
CA ASN B 206 -21.44 17.48 -10.05
C ASN B 206 -19.98 17.26 -9.73
N GLY B 207 -19.72 16.70 -8.55
CA GLY B 207 -18.37 16.44 -8.13
C GLY B 207 -17.68 17.69 -7.61
N VAL B 208 -18.48 18.65 -7.15
CA VAL B 208 -17.94 19.86 -6.55
C VAL B 208 -17.92 19.68 -5.05
N PRO B 209 -16.77 19.97 -4.41
CA PRO B 209 -16.68 19.86 -2.96
C PRO B 209 -17.76 20.70 -2.27
N THR B 210 -18.33 20.18 -1.18
CA THR B 210 -19.48 20.83 -0.54
C THR B 210 -19.37 20.85 0.97
N THR B 211 -19.90 21.92 1.56
CA THR B 211 -19.96 22.04 3.02
C THR B 211 -21.31 21.58 3.55
N ASP B 212 -22.26 21.39 2.64
CA ASP B 212 -23.64 21.06 3.00
C ASP B 212 -23.91 19.57 2.89
N PRO B 213 -23.98 18.87 4.04
CA PRO B 213 -24.10 17.40 4.10
C PRO B 213 -25.35 16.87 3.39
N PHE B 214 -26.37 17.70 3.28
CA PHE B 214 -27.59 17.33 2.56
C PHE B 214 -27.37 17.43 1.05
N ALA B 215 -26.25 18.03 0.65
CA ALA B 215 -25.89 18.13 -0.76
C ALA B 215 -24.74 17.17 -1.13
N VAL B 216 -24.40 16.28 -0.22
CA VAL B 216 -23.37 15.27 -0.52
C VAL B 216 -23.93 14.17 -1.42
N HIS B 217 -23.23 13.92 -2.52
CA HIS B 217 -23.51 12.78 -3.37
C HIS B 217 -22.48 11.66 -3.16
N ALA B 218 -21.20 12.05 -3.03
CA ALA B 218 -20.10 11.09 -3.02
C ALA B 218 -18.94 11.56 -2.16
N LEU B 219 -18.22 10.61 -1.56
CA LEU B 219 -17.02 10.91 -0.81
C LEU B 219 -15.83 11.15 -1.75
N LEU B 220 -14.80 11.79 -1.22
CA LEU B 220 -13.54 11.99 -1.92
C LEU B 220 -12.49 10.99 -1.44
N PRO B 221 -11.59 10.59 -2.34
CA PRO B 221 -10.46 9.71 -1.97
C PRO B 221 -9.45 10.49 -1.13
N ALA B 222 -8.83 9.81 -0.16
CA ALA B 222 -7.74 10.38 0.62
C ALA B 222 -6.55 10.75 -0.29
N ALA B 223 -6.05 11.98 -0.12
CA ALA B 223 -4.89 12.46 -0.88
C ALA B 223 -5.09 12.36 -2.40
N GLY B 224 -6.32 12.66 -2.84
CA GLY B 224 -6.66 12.64 -4.25
C GLY B 224 -6.37 11.32 -4.97
N PRO B 225 -5.46 11.37 -5.96
CA PRO B 225 -5.17 10.21 -6.81
C PRO B 225 -4.49 9.08 -6.04
N LYS B 226 -4.02 9.37 -4.83
CA LYS B 226 -3.28 8.37 -4.07
C LYS B 226 -4.24 7.39 -3.41
N GLY B 227 -5.23 7.90 -2.70
CA GLY B 227 -6.25 7.04 -2.11
C GLY B 227 -7.06 6.37 -3.21
N TYR B 228 -7.14 7.05 -4.35
CA TYR B 228 -7.83 6.55 -5.54
C TYR B 228 -7.14 5.28 -6.07
N GLY B 229 -5.84 5.36 -6.32
CA GLY B 229 -5.07 4.18 -6.68
C GLY B 229 -5.16 3.09 -5.63
N LEU B 230 -5.21 3.49 -4.35
CA LEU B 230 -5.26 2.50 -3.26
C LEU B 230 -6.58 1.76 -3.20
N MET B 231 -7.68 2.46 -3.39
CA MET B 231 -8.96 1.75 -3.42
C MET B 231 -9.09 0.90 -4.68
N MET B 232 -8.49 1.34 -5.78
CA MET B 232 -8.43 0.53 -6.99
C MET B 232 -7.66 -0.77 -6.70
N MET B 233 -6.48 -0.64 -6.12
CA MET B 233 -5.63 -1.76 -5.78
C MET B 233 -6.36 -2.78 -4.90
N ILE B 234 -7.06 -2.26 -3.90
CA ILE B 234 -7.79 -3.12 -2.98
C ILE B 234 -8.91 -3.83 -3.72
N ASP B 235 -9.59 -3.12 -4.62
CA ASP B 235 -10.65 -3.73 -5.42
C ASP B 235 -10.10 -4.84 -6.32
N VAL B 236 -8.97 -4.58 -6.96
CA VAL B 236 -8.34 -5.59 -7.79
C VAL B 236 -7.94 -6.82 -6.95
N LEU B 237 -7.32 -6.59 -5.79
CA LEU B 237 -6.84 -7.70 -4.94
C LEU B 237 -7.95 -8.50 -4.22
N SER B 238 -9.02 -7.83 -3.82
CA SER B 238 -10.03 -8.52 -3.01
C SER B 238 -11.27 -8.89 -3.80
N GLY B 239 -11.39 -8.35 -5.02
CA GLY B 239 -12.56 -8.53 -5.85
C GLY B 239 -12.21 -9.13 -7.21
N VAL B 240 -11.52 -8.35 -8.04
CA VAL B 240 -11.22 -8.82 -9.40
C VAL B 240 -10.47 -10.16 -9.34
N LEU B 241 -9.49 -10.26 -8.45
CA LEU B 241 -8.68 -11.47 -8.30
C LEU B 241 -9.52 -12.71 -8.04
N LEU B 242 -10.65 -12.51 -7.37
CA LEU B 242 -11.48 -13.61 -6.91
C LEU B 242 -12.63 -13.83 -7.88
N GLY B 243 -12.72 -12.99 -8.90
CA GLY B 243 -13.75 -13.14 -9.93
C GLY B 243 -15.10 -12.70 -9.41
N LEU B 244 -15.08 -11.75 -8.49
CA LEU B 244 -16.29 -11.23 -7.85
C LEU B 244 -16.73 -9.95 -8.55
N PRO B 245 -17.98 -9.52 -8.29
CA PRO B 245 -18.32 -8.17 -8.78
C PRO B 245 -17.27 -7.15 -8.27
N PHE B 246 -16.95 -6.16 -9.09
CA PHE B 246 -15.90 -5.21 -8.72
C PHE B 246 -16.31 -3.79 -9.08
N GLY B 247 -15.60 -2.81 -8.50
CA GLY B 247 -15.87 -1.42 -8.75
C GLY B 247 -17.32 -1.03 -8.48
N ARG B 248 -17.96 -0.43 -9.48
CA ARG B 248 -19.35 0.01 -9.42
C ARG B 248 -20.30 -1.13 -9.19
N GLN B 249 -19.88 -2.35 -9.53
CA GLN B 249 -20.78 -3.51 -9.47
C GLN B 249 -20.99 -3.97 -8.05
N VAL B 250 -20.04 -3.65 -7.17
CA VAL B 250 -20.10 -4.06 -5.78
C VAL B 250 -21.45 -3.60 -5.18
N SER B 251 -22.07 -4.44 -4.36
CA SER B 251 -23.40 -4.15 -3.85
C SER B 251 -23.35 -3.09 -2.74
N SER B 252 -24.47 -2.41 -2.52
CA SER B 252 -24.56 -1.44 -1.44
C SER B 252 -25.22 -2.06 -0.21
N MET B 253 -24.96 -1.51 0.96
CA MET B 253 -25.58 -1.97 2.21
C MET B 253 -27.11 -2.01 2.18
N TYR B 254 -27.71 -0.99 1.57
CA TYR B 254 -29.13 -0.74 1.77
C TYR B 254 -30.00 -1.09 0.57
N ASP B 255 -29.38 -1.64 -0.47
CA ASP B 255 -30.12 -1.98 -1.68
C ASP B 255 -31.20 -3.03 -1.44
N ASP B 256 -30.87 -4.04 -0.64
CA ASP B 256 -31.63 -5.27 -0.65
C ASP B 256 -31.24 -6.15 0.53
N LEU B 257 -31.93 -6.00 1.65
CA LEU B 257 -31.57 -6.75 2.85
C LEU B 257 -31.85 -8.24 2.74
N HIS B 258 -32.45 -8.67 1.63
CA HIS B 258 -32.68 -10.09 1.39
C HIS B 258 -31.53 -10.73 0.60
N ALA B 259 -30.66 -9.89 0.06
CA ALA B 259 -29.63 -10.34 -0.88
C ALA B 259 -28.25 -10.45 -0.26
N GLY B 260 -27.52 -11.53 -0.59
CA GLY B 260 -26.12 -11.67 -0.22
C GLY B 260 -25.34 -10.50 -0.80
N ARG B 261 -24.36 -10.00 -0.04
CA ARG B 261 -23.55 -8.87 -0.48
C ARG B 261 -22.56 -9.27 -1.55
N ASN B 262 -22.11 -10.52 -1.50
CA ASN B 262 -21.08 -11.06 -2.41
C ASN B 262 -19.74 -10.30 -2.37
N LEU B 263 -19.38 -9.76 -1.22
CA LEU B 263 -18.11 -9.07 -1.08
C LEU B 263 -16.91 -10.03 -1.08
N GLY B 264 -15.74 -9.50 -1.41
CA GLY B 264 -14.49 -10.22 -1.20
C GLY B 264 -13.59 -9.50 -0.21
N GLN B 265 -12.70 -10.27 0.39
CA GLN B 265 -11.68 -9.71 1.25
C GLN B 265 -10.40 -10.49 0.95
N LEU B 266 -9.24 -9.83 1.04
CA LEU B 266 -7.99 -10.57 0.88
C LEU B 266 -7.11 -10.48 2.13
N HIS B 267 -6.65 -11.65 2.60
CA HIS B 267 -5.66 -11.74 3.66
C HIS B 267 -4.27 -12.13 3.08
N ILE B 268 -3.24 -11.44 3.55
CA ILE B 268 -1.86 -11.81 3.25
C ILE B 268 -1.12 -11.93 4.58
N VAL B 269 -0.50 -13.08 4.84
CA VAL B 269 0.20 -13.33 6.08
C VAL B 269 1.63 -13.80 5.82
N ILE B 270 2.58 -13.26 6.58
CA ILE B 270 3.99 -13.51 6.35
C ILE B 270 4.65 -13.93 7.65
N ASN B 271 5.36 -15.05 7.62
CA ASN B 271 6.02 -15.60 8.78
C ASN B 271 7.48 -15.11 8.80
N PRO B 272 7.81 -14.23 9.76
CA PRO B 272 9.14 -13.59 9.80
C PRO B 272 10.30 -14.59 9.75
N ASN B 273 10.12 -15.78 10.34
CA ASN B 273 11.15 -16.82 10.30
C ASN B 273 11.62 -17.18 8.92
N PHE B 274 10.80 -16.92 7.91
CA PHE B 274 11.18 -17.27 6.54
C PHE B 274 12.00 -16.17 5.89
N PHE B 275 12.32 -15.15 6.68
CA PHE B 275 13.07 -14.02 6.18
C PHE B 275 14.21 -13.64 7.13
N SER B 276 13.96 -13.73 8.42
CA SER B 276 15.00 -13.42 9.41
C SER B 276 14.60 -13.94 10.78
N SER B 277 15.33 -13.52 11.80
CA SER B 277 15.05 -13.98 13.16
C SER B 277 13.78 -13.33 13.72
N SER B 278 12.78 -14.15 14.04
CA SER B 278 11.56 -13.61 14.68
C SER B 278 11.89 -12.86 15.97
N GLU B 279 12.89 -13.33 16.72
CA GLU B 279 13.24 -12.65 17.95
C GLU B 279 13.73 -11.25 17.68
N LEU B 280 14.60 -11.10 16.69
CA LEU B 280 15.08 -9.78 16.30
C LEU B 280 13.95 -8.92 15.71
N PHE B 281 13.14 -9.54 14.86
CA PHE B 281 11.96 -8.88 14.34
C PHE B 281 11.09 -8.28 15.44
N ARG B 282 10.71 -9.09 16.42
CA ARG B 282 9.84 -8.60 17.49
C ARG B 282 10.52 -7.50 18.33
N GLN B 283 11.80 -7.71 18.64
CA GLN B 283 12.62 -6.72 19.31
C GLN B 283 12.62 -5.39 18.55
N HIS B 284 12.87 -5.46 17.25
CA HIS B 284 12.89 -4.27 16.42
C HIS B 284 11.53 -3.58 16.27
N LEU B 285 10.47 -4.37 16.21
CA LEU B 285 9.12 -3.82 16.22
C LEU B 285 8.87 -3.06 17.52
N SER B 286 9.19 -3.69 18.64
CA SER B 286 9.06 -3.00 19.93
C SER B 286 9.94 -1.74 20.00
N GLN B 287 11.13 -1.80 19.39
CA GLN B 287 12.01 -0.64 19.37
C GLN B 287 11.38 0.51 18.58
N THR B 288 10.92 0.20 17.38
CA THR B 288 10.17 1.14 16.56
C THR B 288 9.08 1.86 17.36
N MET B 289 8.25 1.09 18.06
CA MET B 289 7.11 1.68 18.77
C MET B 289 7.58 2.62 19.86
N ARG B 290 8.57 2.16 20.63
CA ARG B 290 9.19 2.98 21.63
C ARG B 290 9.79 4.28 21.04
N GLU B 291 10.70 4.13 20.07
CA GLU B 291 11.36 5.29 19.48
C GLU B 291 10.39 6.32 18.90
N LEU B 292 9.39 5.85 18.16
CA LEU B 292 8.39 6.76 17.58
C LEU B 292 7.62 7.54 18.66
N ASN B 293 7.22 6.85 19.73
CA ASN B 293 6.43 7.50 20.78
C ASN B 293 7.26 8.54 21.53
N ALA B 294 8.59 8.37 21.47
CA ALA B 294 9.54 9.24 22.15
C ALA B 294 10.04 10.38 21.24
N ILE B 295 9.47 10.49 20.05
CA ILE B 295 9.86 11.56 19.13
C ILE B 295 9.29 12.88 19.61
N THR B 296 10.10 13.94 19.51
CA THR B 296 9.66 15.28 19.85
C THR B 296 8.44 15.69 19.01
N PRO B 297 7.33 15.97 19.70
CA PRO B 297 6.11 16.37 18.99
C PRO B 297 6.25 17.75 18.36
N ALA B 298 5.54 17.98 17.25
CA ALA B 298 5.40 19.30 16.69
C ALA B 298 4.38 20.08 17.54
N PRO B 299 4.50 21.42 17.58
CA PRO B 299 3.52 22.20 18.36
C PRO B 299 2.09 21.93 17.88
N GLY B 300 1.15 21.88 18.82
CA GLY B 300 -0.21 21.49 18.49
C GLY B 300 -0.45 20.08 19.01
N PHE B 301 0.62 19.31 19.11
CA PHE B 301 0.54 17.91 19.48
C PHE B 301 1.14 17.69 20.85
N ASN B 302 0.53 16.78 21.61
CA ASN B 302 1.01 16.47 22.97
C ASN B 302 1.94 15.27 22.97
N GLN B 303 1.92 14.53 21.86
CA GLN B 303 2.79 13.37 21.69
C GLN B 303 2.81 12.96 20.23
N VAL B 304 3.76 12.10 19.91
CA VAL B 304 3.76 11.39 18.65
C VAL B 304 3.29 10.00 19.00
N TYR B 305 2.34 9.47 18.24
CA TYR B 305 1.90 8.10 18.46
C TYR B 305 2.59 7.21 17.45
N TYR B 306 3.03 6.01 17.82
CA TYR B 306 3.22 5.01 16.78
C TYR B 306 1.84 4.68 16.19
N PRO B 307 1.78 4.27 14.90
CA PRO B 307 0.45 4.07 14.30
C PRO B 307 -0.44 3.13 15.10
N GLY B 308 -1.66 3.57 15.39
CA GLY B 308 -2.60 2.73 16.10
C GLY B 308 -2.54 2.85 17.61
N GLN B 309 -1.48 3.47 18.13
CA GLN B 309 -1.26 3.56 19.58
C GLN B 309 -2.46 4.09 20.37
N ASP B 310 -3.09 5.16 19.86
CA ASP B 310 -4.22 5.76 20.57
C ASP B 310 -5.42 4.81 20.70
N GLN B 311 -5.63 3.98 19.68
CA GLN B 311 -6.65 2.95 19.76
C GLN B 311 -6.23 1.82 20.68
N ASP B 312 -4.95 1.46 20.64
CA ASP B 312 -4.39 0.44 21.52
C ASP B 312 -4.65 0.80 22.98
N ILE B 313 -4.51 2.10 23.29
CA ILE B 313 -4.72 2.60 24.63
C ILE B 313 -6.21 2.60 24.99
N LYS B 314 -7.05 3.06 24.06
CA LYS B 314 -8.49 3.05 24.29
C LYS B 314 -9.04 1.67 24.65
N GLN B 315 -8.55 0.62 24.01
CA GLN B 315 -9.02 -0.73 24.36
C GLN B 315 -8.21 -1.37 25.49
N ARG B 316 -7.64 -0.50 26.33
CA ARG B 316 -7.14 -0.89 27.63
C ARG B 316 -8.15 -0.32 28.60
N LYS B 317 -8.38 1.00 28.48
CA LYS B 317 -9.20 1.76 29.41
C LYS B 317 -10.71 1.62 29.23
N ALA B 318 -11.17 1.27 28.02
CA ALA B 318 -12.59 0.99 27.82
C ALA B 318 -12.97 -0.37 28.44
N ALA B 319 -11.99 -1.27 28.54
CA ALA B 319 -12.21 -2.56 29.17
C ALA B 319 -12.61 -2.38 30.66
#